data_8CLY
#
_entry.id   8CLY
#
_cell.length_a   125.344
_cell.length_b   125.344
_cell.length_c   115.227
_cell.angle_alpha   90.000
_cell.angle_beta   90.000
_cell.angle_gamma   90.000
#
_symmetry.space_group_name_H-M   'P 42 21 2'
#
loop_
_entity.id
_entity.type
_entity.pdbx_description
1 polymer 'Putative L-asparaginase II protein'
2 non-polymer 'ZINC ION'
3 non-polymer 'CHLORIDE ION'
4 non-polymer 1,2-ETHANEDIOL
5 water water
#
_entity_poly.entity_id   1
_entity_poly.type   'polypeptide(L)'
_entity_poly.pdbx_seq_one_letter_code
;GIDPFTMTNPVTVEVTRGLLVESRHRGAVAVVDGDGKLFFSLGDIDTAVFPRSACKAMQALPLVESGAADAYGFGDKELA
LACASHNGEEEHVALAASMLSRAGRNVEALECGAHWSMNQKVLIQQARSLDAPTALHNNCSGKHAGFICACCHRDIDPKG
YVGYEHPLQVEIRAVMERLTGAVLGAESCGTDGCSIPTYAMPLRNLAHGFARMATGTGLEPLRAKASRRLIEACMAEPFY
VAGSGRACTKLMQIAPGRIFVKTGAEGVFCAAIPEKGIGISLKSEDGATRAAEAMVAATLARFFETEETVHAALMAFAAM
PMRNWNGIHVGDIRATSVFSA
;
_entity_poly.pdbx_strand_id   AAA,BBB
#
loop_
_chem_comp.id
_chem_comp.type
_chem_comp.name
_chem_comp.formula
CL non-polymer 'CHLORIDE ION' 'Cl -1'
EDO non-polymer 1,2-ETHANEDIOL 'C2 H6 O2'
ZN non-polymer 'ZINC ION' 'Zn 2'
#
# COMPACT_ATOMS: atom_id res chain seq x y z
N THR A 8 17.74 -12.87 -9.64
CA THR A 8 16.75 -11.85 -9.18
C THR A 8 15.42 -12.04 -9.96
N ASN A 9 14.36 -11.36 -9.53
CA ASN A 9 13.12 -11.20 -10.32
C ASN A 9 13.29 -9.95 -11.17
N PRO A 10 12.80 -9.92 -12.42
CA PRO A 10 12.94 -8.74 -13.25
C PRO A 10 12.04 -7.59 -12.79
N VAL A 11 12.32 -6.35 -13.22
CA VAL A 11 11.41 -5.20 -13.00
C VAL A 11 10.19 -5.40 -13.89
N THR A 12 9.03 -5.62 -13.27
CA THR A 12 7.75 -5.97 -13.94
C THR A 12 6.87 -4.72 -14.07
N VAL A 13 6.97 -3.78 -13.15
CA VAL A 13 6.08 -2.59 -13.13
C VAL A 13 6.90 -1.36 -12.76
N GLU A 14 6.63 -0.25 -13.45
CA GLU A 14 7.21 1.08 -13.14
C GLU A 14 6.07 2.05 -12.81
N VAL A 15 6.33 2.93 -11.85
CA VAL A 15 5.45 4.07 -11.48
C VAL A 15 6.23 5.32 -11.82
N THR A 16 5.70 6.18 -12.68
CA THR A 16 6.40 7.39 -13.19
C THR A 16 5.82 8.64 -12.53
N ARG A 17 6.60 9.71 -12.52
CA ARG A 17 6.17 11.10 -12.19
C ARG A 17 7.05 12.06 -13.01
N GLY A 18 6.46 13.08 -13.64
CA GLY A 18 7.17 13.86 -14.67
C GLY A 18 7.75 12.91 -15.72
N LEU A 19 9.04 12.99 -15.98
CA LEU A 19 9.73 12.23 -17.05
C LEU A 19 10.60 11.12 -16.45
N LEU A 20 10.39 10.74 -15.18
CA LEU A 20 11.26 9.76 -14.47
C LEU A 20 10.40 8.65 -13.86
N VAL A 21 10.97 7.45 -13.78
CA VAL A 21 10.49 6.35 -12.92
C VAL A 21 10.67 6.77 -11.46
N GLU A 22 9.58 6.79 -10.69
CA GLU A 22 9.56 7.23 -9.26
C GLU A 22 9.73 6.00 -8.37
N SER A 23 9.11 4.89 -8.76
CA SER A 23 9.15 3.61 -8.03
C SER A 23 9.09 2.46 -9.02
N ARG A 24 9.55 1.29 -8.60
CA ARG A 24 9.70 0.07 -9.41
C ARG A 24 9.27 -1.15 -8.58
N HIS A 25 8.63 -2.09 -9.25
CA HIS A 25 8.22 -3.40 -8.68
C HIS A 25 8.95 -4.51 -9.44
N ARG A 26 9.51 -5.48 -8.71
CA ARG A 26 10.01 -6.77 -9.28
C ARG A 26 8.95 -7.86 -9.07
N GLY A 27 8.96 -8.92 -9.89
CA GLY A 27 7.92 -9.95 -9.78
C GLY A 27 8.24 -11.24 -10.51
N ALA A 28 7.40 -12.24 -10.29
CA ALA A 28 7.46 -13.58 -10.90
C ALA A 28 6.08 -13.93 -11.47
N VAL A 29 6.06 -14.69 -12.58
CA VAL A 29 4.85 -15.06 -13.37
C VAL A 29 5.08 -16.47 -13.89
N ALA A 30 4.10 -17.35 -13.67
CA ALA A 30 4.04 -18.71 -14.23
C ALA A 30 2.74 -18.83 -15.02
N VAL A 31 2.86 -19.26 -16.28
CA VAL A 31 1.73 -19.62 -17.16
C VAL A 31 1.95 -21.05 -17.60
N VAL A 32 1.01 -21.92 -17.27
CA VAL A 32 1.12 -23.40 -17.35
C VAL A 32 -0.14 -23.91 -18.03
N ASP A 33 -0.06 -24.97 -18.82
CA ASP A 33 -1.27 -25.59 -19.43
C ASP A 33 -1.75 -26.71 -18.50
N GLY A 34 -2.87 -27.35 -18.83
CA GLY A 34 -3.44 -28.47 -18.04
C GLY A 34 -2.44 -29.59 -17.76
N ASP A 35 -1.48 -29.82 -18.64
CA ASP A 35 -0.53 -30.97 -18.54
C ASP A 35 0.70 -30.57 -17.72
N GLY A 36 0.81 -29.30 -17.30
CA GLY A 36 1.94 -28.79 -16.50
C GLY A 36 3.01 -28.14 -17.37
N LYS A 37 2.76 -28.00 -18.67
CA LYS A 37 3.72 -27.42 -19.64
C LYS A 37 3.80 -25.90 -19.42
N LEU A 38 5.01 -25.37 -19.31
CA LEU A 38 5.27 -23.93 -19.09
C LEU A 38 5.17 -23.18 -20.42
N PHE A 39 4.25 -22.22 -20.54
CA PHE A 39 4.01 -21.41 -21.76
C PHE A 39 4.69 -20.05 -21.63
N PHE A 40 5.05 -19.61 -20.43
CA PHE A 40 5.61 -18.25 -20.19
C PHE A 40 5.99 -18.13 -18.71
N SER A 41 7.11 -17.48 -18.43
CA SER A 41 7.57 -17.32 -17.04
C SER A 41 8.51 -16.11 -16.92
N LEU A 42 8.47 -15.48 -15.76
CA LEU A 42 9.39 -14.40 -15.34
C LEU A 42 9.80 -14.70 -13.90
N GLY A 43 11.07 -14.46 -13.60
CA GLY A 43 11.58 -14.58 -12.22
C GLY A 43 11.45 -15.97 -11.66
N ASP A 44 11.32 -16.04 -10.34
CA ASP A 44 11.44 -17.29 -9.53
C ASP A 44 10.04 -17.90 -9.38
N ILE A 45 9.75 -18.94 -10.16
CA ILE A 45 8.43 -19.63 -10.11
C ILE A 45 8.58 -20.91 -9.28
N ASP A 46 9.74 -21.12 -8.64
CA ASP A 46 10.05 -22.38 -7.92
C ASP A 46 10.18 -22.18 -6.41
N THR A 47 10.23 -20.95 -5.90
CA THR A 47 10.26 -20.70 -4.43
C THR A 47 8.83 -20.58 -3.90
N ALA A 48 8.59 -21.14 -2.72
CA ALA A 48 7.25 -21.18 -2.09
C ALA A 48 6.76 -19.73 -1.83
N VAL A 49 5.56 -19.38 -2.29
CA VAL A 49 4.91 -18.08 -1.99
C VAL A 49 3.49 -18.32 -1.45
N PHE A 50 3.06 -17.52 -0.50
CA PHE A 50 1.68 -17.64 0.06
C PHE A 50 0.69 -17.16 -0.99
N PRO A 51 -0.26 -18.02 -1.42
CA PRO A 51 -1.30 -17.62 -2.36
C PRO A 51 -2.30 -16.69 -1.68
N ARG A 52 -2.41 -16.83 -0.34
CA ARG A 52 -3.42 -16.06 0.46
C ARG A 52 -4.80 -16.28 -0.19
N SER A 53 -5.54 -15.21 -0.46
CA SER A 53 -6.92 -15.22 -0.99
C SER A 53 -7.02 -15.63 -2.47
N ALA A 54 -5.91 -15.70 -3.19
CA ALA A 54 -5.90 -16.00 -4.64
C ALA A 54 -6.39 -17.45 -4.93
N CYS A 55 -6.35 -18.34 -3.94
CA CYS A 55 -6.68 -19.78 -4.14
C CYS A 55 -8.03 -20.13 -3.49
N LYS A 56 -8.88 -19.13 -3.28
CA LYS A 56 -10.21 -19.29 -2.64
C LYS A 56 -11.08 -20.31 -3.41
N ALA A 57 -10.97 -20.34 -4.73
CA ALA A 57 -11.76 -21.24 -5.58
C ALA A 57 -11.39 -22.69 -5.23
N MET A 58 -10.11 -22.96 -4.94
CA MET A 58 -9.63 -24.30 -4.52
C MET A 58 -10.27 -24.67 -3.19
N GLN A 59 -10.38 -23.70 -2.28
CA GLN A 59 -10.83 -23.94 -0.88
C GLN A 59 -12.36 -24.05 -0.86
N ALA A 60 -13.02 -23.69 -1.96
CA ALA A 60 -14.50 -23.81 -2.09
C ALA A 60 -14.89 -25.23 -2.58
N LEU A 61 -13.94 -26.12 -2.87
CA LEU A 61 -14.28 -27.46 -3.43
C LEU A 61 -15.03 -28.31 -2.41
N PRO A 62 -14.65 -28.35 -1.12
CA PRO A 62 -15.43 -29.07 -0.11
C PRO A 62 -16.91 -28.69 -0.12
N LEU A 63 -17.20 -27.38 -0.18
CA LEU A 63 -18.59 -26.87 -0.21
C LEU A 63 -19.33 -27.57 -1.35
N VAL A 64 -18.76 -27.60 -2.56
CA VAL A 64 -19.46 -28.16 -3.74
C VAL A 64 -19.44 -29.69 -3.68
N GLU A 65 -18.26 -30.29 -3.51
CA GLU A 65 -18.05 -31.77 -3.60
C GLU A 65 -18.82 -32.48 -2.49
N SER A 66 -19.04 -31.84 -1.34
CA SER A 66 -19.76 -32.45 -0.19
C SER A 66 -21.25 -32.63 -0.49
N GLY A 67 -21.82 -31.94 -1.49
CA GLY A 67 -23.29 -31.82 -1.70
C GLY A 67 -23.90 -30.59 -1.04
N ALA A 68 -23.13 -29.88 -0.20
CA ALA A 68 -23.64 -28.75 0.60
C ALA A 68 -24.21 -27.67 -0.32
N ALA A 69 -23.48 -27.28 -1.36
CA ALA A 69 -23.91 -26.18 -2.26
C ALA A 69 -25.30 -26.50 -2.81
N ASP A 70 -25.49 -27.73 -3.27
CA ASP A 70 -26.75 -28.18 -3.91
C ASP A 70 -27.86 -28.30 -2.86
N ALA A 71 -27.53 -28.82 -1.67
CA ALA A 71 -28.50 -29.02 -0.58
C ALA A 71 -29.01 -27.67 -0.05
N TYR A 72 -28.18 -26.63 -0.08
CA TYR A 72 -28.51 -25.29 0.47
C TYR A 72 -28.97 -24.38 -0.65
N GLY A 73 -29.12 -24.92 -1.86
CA GLY A 73 -29.59 -24.18 -3.06
C GLY A 73 -28.64 -23.05 -3.46
N PHE A 74 -27.31 -23.20 -3.30
CA PHE A 74 -26.33 -22.17 -3.74
C PHE A 74 -26.26 -22.12 -5.27
N GLY A 75 -26.45 -20.95 -5.87
CA GLY A 75 -26.20 -20.73 -7.31
C GLY A 75 -24.88 -20.03 -7.54
N ASP A 76 -24.69 -19.44 -8.71
CA ASP A 76 -23.41 -18.80 -9.11
C ASP A 76 -23.05 -17.65 -8.16
N LYS A 77 -24.01 -16.91 -7.63
CA LYS A 77 -23.74 -15.75 -6.76
C LYS A 77 -23.11 -16.22 -5.44
N GLU A 78 -23.66 -17.26 -4.85
CA GLU A 78 -23.15 -17.80 -3.55
C GLU A 78 -21.78 -18.43 -3.79
N LEU A 79 -21.57 -19.15 -4.88
CA LEU A 79 -20.27 -19.81 -5.14
C LEU A 79 -19.19 -18.75 -5.40
N ALA A 80 -19.54 -17.70 -6.14
CA ALA A 80 -18.63 -16.55 -6.40
C ALA A 80 -18.23 -15.92 -5.07
N LEU A 81 -19.17 -15.84 -4.12
CA LEU A 81 -18.91 -15.17 -2.82
C LEU A 81 -18.04 -16.08 -1.97
N ALA A 82 -18.25 -17.39 -2.06
CA ALA A 82 -17.40 -18.42 -1.42
C ALA A 82 -15.96 -18.32 -1.95
N CYS A 83 -15.79 -17.86 -3.19
CA CYS A 83 -14.46 -17.75 -3.84
C CYS A 83 -13.95 -16.30 -3.79
N ALA A 84 -14.50 -15.47 -2.90
CA ALA A 84 -14.35 -14.00 -3.06
C ALA A 84 -13.59 -13.28 -1.96
N SER A 85 -12.82 -12.27 -2.36
CA SER A 85 -12.26 -11.28 -1.39
C SER A 85 -13.07 -9.99 -1.64
N HIS A 86 -14.26 -9.88 -1.02
CA HIS A 86 -15.24 -8.84 -1.39
C HIS A 86 -15.04 -7.54 -0.61
N ASN A 87 -15.66 -6.46 -1.09
CA ASN A 87 -15.58 -5.08 -0.57
C ASN A 87 -16.35 -4.88 0.73
N GLY A 88 -17.25 -5.80 1.10
CA GLY A 88 -18.14 -5.61 2.26
C GLY A 88 -19.25 -4.63 1.94
N GLU A 89 -19.66 -4.61 0.67
CA GLU A 89 -20.86 -3.83 0.22
C GLU A 89 -22.09 -4.57 0.74
N GLU A 90 -23.21 -3.85 0.81
CA GLU A 90 -24.44 -4.40 1.45
C GLU A 90 -24.89 -5.67 0.71
N GLU A 91 -24.71 -5.74 -0.61
CA GLU A 91 -25.07 -6.92 -1.44
C GLU A 91 -24.28 -8.14 -0.94
N HIS A 92 -22.99 -7.95 -0.66
CA HIS A 92 -22.05 -9.02 -0.23
C HIS A 92 -22.44 -9.52 1.17
N VAL A 93 -22.72 -8.56 2.07
CA VAL A 93 -23.10 -8.81 3.48
C VAL A 93 -24.43 -9.60 3.50
N ALA A 94 -25.42 -9.13 2.76
CA ALA A 94 -26.74 -9.75 2.63
C ALA A 94 -26.60 -11.20 2.16
N LEU A 95 -25.74 -11.46 1.17
CA LEU A 95 -25.61 -12.81 0.57
C LEU A 95 -24.92 -13.78 1.53
N ALA A 96 -23.87 -13.32 2.23
CA ALA A 96 -23.16 -14.09 3.29
C ALA A 96 -24.14 -14.48 4.40
N ALA A 97 -24.99 -13.56 4.83
CA ALA A 97 -26.04 -13.76 5.86
C ALA A 97 -27.08 -14.76 5.37
N SER A 98 -27.46 -14.66 4.09
CA SER A 98 -28.38 -15.61 3.42
C SER A 98 -27.73 -17.00 3.41
N MET A 99 -26.46 -17.11 3.03
CA MET A 99 -25.72 -18.42 2.98
C MET A 99 -25.66 -19.07 4.38
N LEU A 100 -25.28 -18.33 5.43
CA LEU A 100 -25.23 -18.85 6.81
C LEU A 100 -26.63 -19.30 7.26
N SER A 101 -27.66 -18.56 6.86
CA SER A 101 -29.07 -18.80 7.27
C SER A 101 -29.54 -20.17 6.78
N ARG A 102 -29.05 -20.67 5.65
CA ARG A 102 -29.51 -21.98 5.08
C ARG A 102 -29.13 -23.12 6.02
N ALA A 103 -28.10 -22.93 6.83
CA ALA A 103 -27.60 -23.95 7.79
C ALA A 103 -28.12 -23.62 9.20
N GLY A 104 -28.92 -22.57 9.32
CA GLY A 104 -29.48 -22.07 10.58
C GLY A 104 -28.45 -21.29 11.36
N ARG A 105 -27.47 -20.73 10.67
CA ARG A 105 -26.36 -20.00 11.32
C ARG A 105 -26.45 -18.50 11.00
N ASN A 106 -25.61 -17.72 11.64
CA ASN A 106 -25.54 -16.26 11.39
C ASN A 106 -24.12 -15.78 11.69
N VAL A 107 -23.93 -14.47 11.70
CA VAL A 107 -22.61 -13.79 11.83
C VAL A 107 -21.85 -14.38 13.02
N GLU A 108 -22.54 -14.77 14.09
CA GLU A 108 -21.90 -15.21 15.35
C GLU A 108 -21.11 -16.52 15.13
N ALA A 109 -21.38 -17.28 14.08
CA ALA A 109 -20.67 -18.54 13.77
C ALA A 109 -19.35 -18.26 13.02
N LEU A 110 -19.19 -17.09 12.42
CA LEU A 110 -17.94 -16.70 11.71
C LEU A 110 -16.81 -16.50 12.72
N GLU A 111 -15.61 -16.90 12.36
CA GLU A 111 -14.42 -16.81 13.25
C GLU A 111 -13.35 -15.97 12.56
N CYS A 112 -13.69 -15.21 11.51
CA CYS A 112 -12.75 -14.48 10.63
C CYS A 112 -12.43 -13.11 11.20
N GLY A 113 -13.27 -12.60 12.11
CA GLY A 113 -13.19 -11.26 12.69
C GLY A 113 -13.86 -10.25 11.79
N ALA A 114 -13.99 -9.02 12.24
CA ALA A 114 -14.56 -7.88 11.49
C ALA A 114 -13.47 -6.95 10.95
N HIS A 115 -13.73 -6.24 9.86
CA HIS A 115 -12.85 -5.16 9.36
C HIS A 115 -13.65 -4.17 8.49
N TRP A 116 -13.25 -2.90 8.49
CA TRP A 116 -13.79 -1.88 7.59
C TRP A 116 -13.33 -2.18 6.15
N SER A 117 -14.09 -1.75 5.16
CA SER A 117 -13.76 -1.99 3.73
C SER A 117 -12.37 -1.42 3.44
N MET A 118 -11.61 -2.10 2.61
CA MET A 118 -10.34 -1.59 2.06
C MET A 118 -10.60 -0.84 0.75
N ASN A 119 -11.86 -0.79 0.29
CA ASN A 119 -12.35 0.17 -0.74
C ASN A 119 -12.83 1.47 -0.06
N GLN A 120 -12.21 2.61 -0.36
CA GLN A 120 -12.49 3.90 0.32
C GLN A 120 -13.96 4.29 0.20
N LYS A 121 -14.54 4.18 -0.99
CA LYS A 121 -15.96 4.57 -1.25
C LYS A 121 -16.90 3.72 -0.39
N VAL A 122 -16.59 2.43 -0.26
CA VAL A 122 -17.43 1.51 0.54
C VAL A 122 -17.22 1.83 2.01
N LEU A 123 -15.98 2.10 2.43
CA LEU A 123 -15.65 2.48 3.82
C LEU A 123 -16.47 3.73 4.20
N ILE A 124 -16.52 4.73 3.32
CA ILE A 124 -17.28 5.98 3.60
C ILE A 124 -18.76 5.60 3.82
N GLN A 125 -19.30 4.74 2.96
CA GLN A 125 -20.69 4.22 3.06
C GLN A 125 -20.84 3.47 4.39
N GLN A 126 -19.88 2.63 4.74
CA GLN A 126 -19.93 1.78 5.97
C GLN A 126 -19.95 2.68 7.20
N ALA A 127 -19.01 3.62 7.28
CA ALA A 127 -18.85 4.58 8.39
C ALA A 127 -20.16 5.37 8.59
N ARG A 128 -20.82 5.75 7.49
CA ARG A 128 -22.05 6.58 7.56
C ARG A 128 -23.25 5.72 7.99
N SER A 129 -23.23 4.41 7.79
CA SER A 129 -24.41 3.54 8.04
C SER A 129 -24.20 2.58 9.21
N LEU A 130 -23.00 2.45 9.78
CA LEU A 130 -22.69 1.44 10.83
C LEU A 130 -21.91 2.12 11.96
N ASP A 131 -22.18 1.75 13.22
CA ASP A 131 -21.30 2.09 14.36
C ASP A 131 -19.98 1.32 14.20
N ALA A 132 -20.05 0.08 13.73
CA ALA A 132 -18.89 -0.83 13.61
C ALA A 132 -19.21 -1.91 12.58
N PRO A 133 -18.20 -2.40 11.83
CA PRO A 133 -18.39 -3.50 10.93
C PRO A 133 -18.55 -4.78 11.75
N THR A 134 -19.10 -5.82 11.14
CA THR A 134 -19.30 -7.17 11.71
C THR A 134 -18.41 -8.13 10.92
N ALA A 135 -18.36 -9.40 11.33
CA ALA A 135 -17.62 -10.46 10.60
C ALA A 135 -18.20 -10.66 9.19
N LEU A 136 -19.46 -10.29 8.95
CA LEU A 136 -20.07 -10.39 7.59
C LEU A 136 -19.38 -9.43 6.62
N HIS A 137 -18.90 -8.29 7.12
CA HIS A 137 -18.21 -7.25 6.31
C HIS A 137 -16.81 -7.72 5.91
N ASN A 138 -16.27 -8.72 6.61
CA ASN A 138 -14.97 -9.34 6.31
C ASN A 138 -15.01 -9.82 4.85
N ASN A 139 -13.98 -9.50 4.09
CA ASN A 139 -13.80 -9.85 2.66
C ASN A 139 -13.87 -11.38 2.50
N CYS A 140 -13.58 -12.14 3.56
CA CYS A 140 -13.60 -13.64 3.51
C CYS A 140 -14.92 -14.20 4.04
N SER A 141 -15.92 -13.39 4.34
CA SER A 141 -17.19 -13.86 4.96
C SER A 141 -17.90 -14.88 4.05
N GLY A 142 -17.74 -14.80 2.72
CA GLY A 142 -18.36 -15.75 1.78
C GLY A 142 -17.72 -17.13 1.87
N LYS A 143 -16.39 -17.12 1.88
CA LYS A 143 -15.56 -18.34 1.96
C LYS A 143 -15.87 -19.05 3.28
N HIS A 144 -15.97 -18.27 4.37
CA HIS A 144 -16.18 -18.81 5.73
C HIS A 144 -17.61 -19.36 5.85
N ALA A 145 -18.59 -18.67 5.26
CA ALA A 145 -20.00 -19.17 5.21
C ALA A 145 -20.05 -20.48 4.41
N GLY A 146 -19.32 -20.57 3.29
CA GLY A 146 -19.14 -21.83 2.55
C GLY A 146 -18.55 -22.94 3.44
N PHE A 147 -17.53 -22.63 4.22
CA PHE A 147 -16.85 -23.56 5.14
C PHE A 147 -17.83 -24.10 6.18
N ILE A 148 -18.61 -23.19 6.75
CA ILE A 148 -19.59 -23.51 7.84
C ILE A 148 -20.71 -24.38 7.24
N CYS A 149 -21.13 -24.08 6.01
CA CYS A 149 -22.20 -24.82 5.30
C CYS A 149 -21.69 -26.23 4.97
N ALA A 150 -20.44 -26.33 4.54
CA ALA A 150 -19.81 -27.65 4.23
C ALA A 150 -19.83 -28.54 5.47
N CYS A 151 -19.60 -27.97 6.65
CA CYS A 151 -19.57 -28.70 7.95
C CYS A 151 -21.00 -29.12 8.33
N CYS A 152 -21.95 -28.19 8.28
CA CYS A 152 -23.30 -28.40 8.81
C CYS A 152 -24.05 -29.42 7.94
N HIS A 153 -23.85 -29.40 6.62
CA HIS A 153 -24.46 -30.37 5.68
C HIS A 153 -24.03 -31.80 6.06
N ARG A 154 -22.79 -32.00 6.52
CA ARG A 154 -22.23 -33.34 6.83
C ARG A 154 -22.31 -33.62 8.33
N ASP A 155 -23.06 -32.82 9.09
CA ASP A 155 -23.24 -32.99 10.55
C ASP A 155 -21.87 -32.96 11.25
N ILE A 156 -20.94 -32.15 10.77
CA ILE A 156 -19.67 -31.80 11.45
C ILE A 156 -19.87 -30.46 12.16
N ASP A 157 -19.45 -30.37 13.41
CA ASP A 157 -19.49 -29.11 14.20
C ASP A 157 -18.58 -28.09 13.53
N PRO A 158 -19.12 -26.92 13.13
CA PRO A 158 -18.32 -25.87 12.50
C PRO A 158 -17.39 -25.16 13.49
N LYS A 159 -17.66 -25.26 14.80
CA LYS A 159 -16.81 -24.58 15.81
C LYS A 159 -15.34 -24.97 15.57
N GLY A 160 -14.46 -23.96 15.50
CA GLY A 160 -13.01 -24.10 15.28
C GLY A 160 -12.63 -24.41 13.84
N TYR A 161 -13.53 -24.21 12.86
CA TYR A 161 -13.32 -24.57 11.42
C TYR A 161 -12.07 -23.89 10.85
N VAL A 162 -11.52 -22.89 11.52
CA VAL A 162 -10.32 -22.12 11.05
C VAL A 162 -9.06 -22.85 11.49
N GLY A 163 -9.14 -23.74 12.49
CA GLY A 163 -7.99 -24.46 13.07
C GLY A 163 -7.37 -25.51 12.15
N TYR A 164 -6.05 -25.53 12.06
CA TYR A 164 -5.22 -26.53 11.33
C TYR A 164 -5.78 -27.95 11.50
N GLU A 165 -6.22 -28.35 12.69
CA GLU A 165 -6.60 -29.77 13.00
C GLU A 165 -8.10 -30.02 12.77
N HIS A 166 -8.90 -29.00 12.49
CA HIS A 166 -10.33 -29.20 12.18
C HIS A 166 -10.45 -30.10 10.94
N PRO A 167 -11.39 -31.07 10.91
CA PRO A 167 -11.57 -31.96 9.75
C PRO A 167 -11.67 -31.22 8.42
N LEU A 168 -12.26 -30.00 8.43
CA LEU A 168 -12.42 -29.20 7.20
C LEU A 168 -11.06 -28.75 6.69
N GLN A 169 -10.14 -28.30 7.56
CA GLN A 169 -8.79 -27.84 7.14
C GLN A 169 -7.94 -29.05 6.74
N VAL A 170 -8.17 -30.21 7.35
CA VAL A 170 -7.53 -31.49 6.92
C VAL A 170 -7.90 -31.75 5.47
N GLU A 171 -9.19 -31.60 5.15
CA GLU A 171 -9.77 -31.85 3.80
CA GLU A 171 -9.72 -31.89 3.80
C GLU A 171 -9.15 -30.87 2.80
N ILE A 172 -9.06 -29.59 3.17
CA ILE A 172 -8.52 -28.52 2.29
C ILE A 172 -7.07 -28.81 1.92
N ARG A 173 -6.24 -29.23 2.87
CA ARG A 173 -4.83 -29.67 2.59
C ARG A 173 -4.82 -30.79 1.56
N ALA A 174 -5.72 -31.76 1.67
CA ALA A 174 -5.79 -32.90 0.73
C ALA A 174 -6.13 -32.37 -0.67
N VAL A 175 -7.19 -31.56 -0.78
CA VAL A 175 -7.69 -31.01 -2.07
C VAL A 175 -6.57 -30.22 -2.77
N MET A 176 -5.90 -29.33 -2.04
CA MET A 176 -4.92 -28.40 -2.63
C MET A 176 -3.62 -29.14 -2.99
N GLU A 177 -3.25 -30.17 -2.22
CA GLU A 177 -2.13 -31.07 -2.60
C GLU A 177 -2.46 -31.73 -3.95
N ARG A 178 -3.66 -32.29 -4.10
CA ARG A 178 -4.03 -33.05 -5.32
C ARG A 178 -4.07 -32.11 -6.53
N LEU A 179 -4.57 -30.87 -6.40
CA LEU A 179 -4.64 -29.92 -7.53
C LEU A 179 -3.25 -29.47 -7.96
N THR A 180 -2.38 -29.15 -6.99
CA THR A 180 -1.14 -28.37 -7.24
C THR A 180 0.07 -29.28 -7.33
N GLY A 181 0.00 -30.48 -6.75
CA GLY A 181 1.14 -31.40 -6.64
C GLY A 181 2.17 -30.90 -5.64
N ALA A 182 1.89 -29.82 -4.91
CA ALA A 182 2.79 -29.28 -3.87
C ALA A 182 2.42 -29.94 -2.54
N VAL A 183 3.41 -30.25 -1.71
CA VAL A 183 3.17 -30.84 -0.36
C VAL A 183 2.82 -29.70 0.60
N LEU A 184 1.70 -29.84 1.31
CA LEU A 184 1.17 -28.82 2.22
C LEU A 184 1.19 -29.37 3.65
N GLY A 185 1.97 -28.73 4.52
CA GLY A 185 2.08 -29.09 5.95
C GLY A 185 2.51 -27.90 6.75
N ALA A 186 2.94 -28.15 7.99
CA ALA A 186 3.20 -27.10 9.00
C ALA A 186 4.32 -26.19 8.52
N GLU A 187 5.34 -26.71 7.83
CA GLU A 187 6.56 -25.91 7.51
C GLU A 187 6.22 -24.82 6.48
N SER A 188 5.25 -25.06 5.60
CA SER A 188 4.77 -24.10 4.57
C SER A 188 3.58 -23.26 5.09
N CYS A 189 3.12 -23.52 6.31
CA CYS A 189 1.87 -22.95 6.87
C CYS A 189 2.13 -21.63 7.61
N GLY A 190 1.30 -20.61 7.34
CA GLY A 190 1.13 -19.42 8.18
C GLY A 190 -0.34 -19.22 8.50
N THR A 191 -0.66 -18.29 9.41
CA THR A 191 -2.04 -17.81 9.65
C THR A 191 -2.39 -16.72 8.64
N ASP A 192 -3.57 -16.86 8.02
CA ASP A 192 -4.11 -15.92 7.01
C ASP A 192 -4.75 -14.72 7.73
N GLY A 193 -5.11 -13.68 7.00
CA GLY A 193 -5.90 -12.54 7.51
C GLY A 193 -7.12 -13.01 8.28
N CYS A 194 -7.79 -14.06 7.79
CA CYS A 194 -9.09 -14.52 8.32
CA CYS A 194 -9.09 -14.49 8.37
C CYS A 194 -8.90 -15.67 9.32
N SER A 195 -7.66 -15.87 9.79
CA SER A 195 -7.27 -16.80 10.88
C SER A 195 -7.30 -18.27 10.42
N ILE A 196 -7.51 -18.56 9.14
CA ILE A 196 -7.37 -19.96 8.61
C ILE A 196 -5.93 -20.18 8.16
N PRO A 197 -5.48 -21.45 7.98
CA PRO A 197 -4.19 -21.72 7.38
C PRO A 197 -4.09 -21.18 5.94
N THR A 198 -2.93 -20.64 5.61
CA THR A 198 -2.48 -20.39 4.22
C THR A 198 -1.12 -21.07 4.05
N TYR A 199 -0.95 -21.79 2.92
CA TYR A 199 0.19 -22.68 2.64
C TYR A 199 1.00 -22.11 1.48
N ALA A 200 2.26 -21.79 1.69
CA ALA A 200 3.16 -21.31 0.61
C ALA A 200 3.52 -22.48 -0.32
N MET A 201 3.52 -22.22 -1.62
CA MET A 201 3.91 -23.21 -2.65
C MET A 201 4.45 -22.46 -3.86
N PRO A 202 5.29 -23.12 -4.70
CA PRO A 202 5.84 -22.45 -5.87
C PRO A 202 4.71 -21.91 -6.75
N LEU A 203 4.96 -20.83 -7.47
CA LEU A 203 4.00 -20.24 -8.43
C LEU A 203 3.72 -21.24 -9.56
N ARG A 204 4.72 -22.05 -9.94
CA ARG A 204 4.52 -23.09 -10.98
C ARG A 204 3.38 -24.01 -10.57
N ASN A 205 3.35 -24.45 -9.32
CA ASN A 205 2.35 -25.41 -8.79
C ASN A 205 0.97 -24.77 -8.74
N LEU A 206 0.94 -23.52 -8.26
CA LEU A 206 -0.29 -22.73 -8.09
C LEU A 206 -0.94 -22.54 -9.47
N ALA A 207 -0.17 -22.13 -10.47
CA ALA A 207 -0.63 -21.95 -11.87
C ALA A 207 -1.12 -23.29 -12.44
N HIS A 208 -0.34 -24.36 -12.28
CA HIS A 208 -0.73 -25.72 -12.71
C HIS A 208 -2.11 -26.06 -12.13
N GLY A 209 -2.29 -25.88 -10.81
CA GLY A 209 -3.54 -26.17 -10.11
C GLY A 209 -4.73 -25.48 -10.76
N PHE A 210 -4.60 -24.19 -11.10
CA PHE A 210 -5.70 -23.44 -11.78
C PHE A 210 -5.89 -23.95 -13.21
N ALA A 211 -4.81 -24.38 -13.88
CA ALA A 211 -4.90 -24.94 -15.25
C ALA A 211 -5.74 -26.24 -15.20
N ARG A 212 -5.57 -27.02 -14.14
CA ARG A 212 -6.35 -28.27 -13.95
C ARG A 212 -7.82 -27.96 -13.60
N MET A 213 -8.07 -26.95 -12.78
CA MET A 213 -9.46 -26.56 -12.44
C MET A 213 -10.18 -26.09 -13.72
N ALA A 214 -9.45 -25.41 -14.59
CA ALA A 214 -9.99 -24.79 -15.83
C ALA A 214 -10.25 -25.84 -16.91
N THR A 215 -9.51 -26.95 -16.94
CA THR A 215 -9.56 -27.96 -18.04
C THR A 215 -10.08 -29.34 -17.60
N GLY A 216 -10.02 -29.70 -16.31
CA GLY A 216 -10.31 -31.07 -15.83
C GLY A 216 -9.13 -32.04 -15.98
N THR A 217 -8.02 -31.62 -16.59
CA THR A 217 -6.86 -32.50 -16.85
C THR A 217 -6.31 -33.09 -15.56
N GLY A 218 -6.30 -34.42 -15.47
CA GLY A 218 -5.75 -35.19 -14.35
C GLY A 218 -6.63 -35.17 -13.12
N LEU A 219 -7.91 -34.79 -13.24
CA LEU A 219 -8.83 -34.74 -12.07
C LEU A 219 -9.90 -35.84 -12.20
N GLU A 220 -10.27 -36.47 -11.08
CA GLU A 220 -11.47 -37.31 -10.97
C GLU A 220 -12.65 -36.52 -11.54
N PRO A 221 -13.63 -37.17 -12.20
CA PRO A 221 -14.80 -36.46 -12.75
C PRO A 221 -15.55 -35.51 -11.80
N LEU A 222 -15.83 -35.90 -10.55
CA LEU A 222 -16.59 -35.04 -9.61
C LEU A 222 -15.77 -33.79 -9.33
N ARG A 223 -14.44 -33.95 -9.15
CA ARG A 223 -13.55 -32.79 -8.90
C ARG A 223 -13.45 -31.88 -10.15
N ALA A 224 -13.36 -32.46 -11.34
CA ALA A 224 -13.35 -31.69 -12.62
C ALA A 224 -14.61 -30.82 -12.70
N LYS A 225 -15.76 -31.39 -12.31
CA LYS A 225 -17.09 -30.79 -12.53
C LYS A 225 -17.31 -29.70 -11.49
N ALA A 226 -16.94 -29.97 -10.23
CA ALA A 226 -16.98 -28.98 -9.13
C ALA A 226 -16.02 -27.83 -9.47
N SER A 227 -14.81 -28.15 -9.93
CA SER A 227 -13.79 -27.15 -10.32
C SER A 227 -14.35 -26.23 -11.42
N ARG A 228 -14.93 -26.82 -12.46
CA ARG A 228 -15.46 -26.04 -13.62
C ARG A 228 -16.60 -25.12 -13.14
N ARG A 229 -17.43 -25.62 -12.24
CA ARG A 229 -18.63 -24.94 -11.74
C ARG A 229 -18.21 -23.69 -10.93
N LEU A 230 -17.19 -23.81 -10.08
CA LEU A 230 -16.65 -22.69 -9.29
C LEU A 230 -16.06 -21.64 -10.24
N ILE A 231 -15.25 -22.08 -11.20
CA ILE A 231 -14.61 -21.13 -12.15
C ILE A 231 -15.67 -20.39 -12.97
N GLU A 232 -16.70 -21.09 -13.42
CA GLU A 232 -17.79 -20.50 -14.23
C GLU A 232 -18.63 -19.54 -13.39
N ALA A 233 -18.81 -19.81 -12.10
CA ALA A 233 -19.62 -18.97 -11.19
C ALA A 233 -18.94 -17.61 -10.99
N CYS A 234 -17.66 -17.64 -10.68
CA CYS A 234 -16.80 -16.43 -10.58
C CYS A 234 -16.93 -15.61 -11.85
N MET A 235 -16.87 -16.25 -13.02
CA MET A 235 -16.93 -15.52 -14.32
C MET A 235 -18.35 -15.02 -14.59
N ALA A 236 -19.39 -15.67 -14.05
CA ALA A 236 -20.81 -15.32 -14.31
C ALA A 236 -21.26 -14.21 -13.35
N GLU A 237 -20.66 -14.12 -12.16
CA GLU A 237 -21.06 -13.14 -11.11
C GLU A 237 -19.82 -12.42 -10.58
N PRO A 238 -19.07 -11.70 -11.44
CA PRO A 238 -17.78 -11.15 -11.02
C PRO A 238 -17.89 -10.07 -9.94
N PHE A 239 -19.05 -9.43 -9.78
CA PHE A 239 -19.28 -8.42 -8.73
C PHE A 239 -19.09 -9.12 -7.38
N TYR A 240 -19.55 -10.35 -7.28
CA TYR A 240 -19.56 -11.08 -5.98
C TYR A 240 -18.18 -11.62 -5.60
N VAL A 241 -17.22 -11.57 -6.53
CA VAL A 241 -15.81 -12.01 -6.31
C VAL A 241 -15.05 -10.85 -5.62
N ALA A 242 -15.49 -9.61 -5.83
CA ALA A 242 -14.73 -8.43 -5.40
C ALA A 242 -15.70 -7.28 -5.15
N GLY A 243 -16.11 -6.59 -6.22
CA GLY A 243 -17.20 -5.61 -6.13
C GLY A 243 -16.95 -4.37 -6.95
N SER A 244 -17.58 -3.26 -6.56
CA SER A 244 -17.46 -1.93 -7.21
C SER A 244 -15.99 -1.49 -7.20
N GLY A 245 -15.50 -1.02 -8.34
CA GLY A 245 -14.18 -0.41 -8.54
C GLY A 245 -13.04 -1.35 -8.28
N ARG A 246 -13.20 -2.65 -8.54
CA ARG A 246 -12.19 -3.71 -8.21
C ARG A 246 -11.67 -4.37 -9.50
N ALA A 247 -10.36 -4.56 -9.57
CA ALA A 247 -9.65 -5.18 -10.70
C ALA A 247 -10.31 -6.53 -11.05
N CYS A 248 -10.54 -7.41 -10.07
CA CYS A 248 -11.04 -8.78 -10.34
C CYS A 248 -12.35 -8.65 -11.11
N THR A 249 -13.23 -7.76 -10.65
CA THR A 249 -14.57 -7.59 -11.23
C THR A 249 -14.39 -7.05 -12.65
N LYS A 250 -13.60 -6.00 -12.83
CA LYS A 250 -13.49 -5.26 -14.12
C LYS A 250 -12.78 -6.14 -15.16
N LEU A 251 -11.77 -6.91 -14.76
CA LEU A 251 -11.00 -7.77 -15.70
C LEU A 251 -11.91 -8.89 -16.22
N MET A 252 -12.83 -9.41 -15.41
CA MET A 252 -13.74 -10.50 -15.85
C MET A 252 -14.98 -9.91 -16.58
N GLN A 253 -15.08 -8.59 -16.76
CA GLN A 253 -16.18 -7.94 -17.52
C GLN A 253 -15.70 -7.56 -18.93
N ILE A 254 -14.41 -7.73 -19.23
CA ILE A 254 -13.79 -7.42 -20.54
C ILE A 254 -14.28 -8.43 -21.57
N ALA A 255 -14.17 -9.73 -21.27
CA ALA A 255 -14.52 -10.86 -22.16
C ALA A 255 -15.42 -11.82 -21.39
N PRO A 256 -16.70 -11.44 -21.15
CA PRO A 256 -17.55 -12.19 -20.21
C PRO A 256 -17.54 -13.71 -20.49
N GLY A 257 -17.32 -14.48 -19.44
CA GLY A 257 -17.31 -15.95 -19.46
C GLY A 257 -15.98 -16.56 -19.90
N ARG A 258 -14.95 -15.79 -20.25
CA ARG A 258 -13.72 -16.30 -20.92
C ARG A 258 -12.45 -16.19 -20.04
N ILE A 259 -12.47 -15.33 -19.02
CA ILE A 259 -11.29 -14.96 -18.20
C ILE A 259 -11.67 -15.09 -16.73
N PHE A 260 -10.94 -15.92 -15.98
CA PHE A 260 -11.01 -16.03 -14.50
C PHE A 260 -9.81 -15.31 -13.89
N VAL A 261 -10.02 -14.46 -12.88
CA VAL A 261 -8.91 -13.83 -12.10
C VAL A 261 -9.32 -13.78 -10.64
N LYS A 262 -8.31 -13.88 -9.78
CA LYS A 262 -8.49 -13.75 -8.33
C LYS A 262 -7.23 -13.14 -7.73
N THR A 263 -7.40 -12.00 -7.09
CA THR A 263 -6.33 -11.29 -6.35
C THR A 263 -6.06 -12.03 -5.04
N GLY A 264 -4.85 -11.89 -4.51
CA GLY A 264 -4.50 -12.28 -3.14
C GLY A 264 -3.75 -11.16 -2.45
N ALA A 265 -3.85 -11.07 -1.12
CA ALA A 265 -3.09 -10.10 -0.31
C ALA A 265 -1.60 -10.26 -0.65
N GLU A 266 -0.82 -9.20 -0.49
CA GLU A 266 0.65 -9.24 -0.71
C GLU A 266 0.98 -9.53 -2.19
N GLY A 267 0.19 -8.98 -3.12
CA GLY A 267 0.55 -8.87 -4.55
C GLY A 267 0.52 -10.21 -5.28
N VAL A 268 -0.42 -11.07 -4.95
CA VAL A 268 -0.64 -12.34 -5.70
C VAL A 268 -1.83 -12.14 -6.66
N PHE A 269 -1.76 -12.82 -7.79
CA PHE A 269 -2.90 -13.05 -8.69
C PHE A 269 -2.81 -14.48 -9.20
N CYS A 270 -3.94 -15.16 -9.18
CA CYS A 270 -4.19 -16.39 -9.96
C CYS A 270 -5.19 -16.05 -11.06
N ALA A 271 -5.10 -16.75 -12.19
CA ALA A 271 -6.04 -16.57 -13.31
C ALA A 271 -6.10 -17.84 -14.14
N ALA A 272 -7.11 -17.91 -15.00
CA ALA A 272 -7.26 -18.96 -16.02
C ALA A 272 -7.93 -18.39 -17.28
N ILE A 273 -7.61 -18.97 -18.42
CA ILE A 273 -8.36 -18.84 -19.71
C ILE A 273 -8.74 -20.26 -20.12
N PRO A 274 -9.90 -20.75 -19.65
CA PRO A 274 -10.28 -22.15 -19.85
C PRO A 274 -10.25 -22.59 -21.32
N GLU A 275 -10.70 -21.75 -22.24
CA GLU A 275 -10.76 -22.08 -23.68
C GLU A 275 -9.33 -22.25 -24.24
N LYS A 276 -8.30 -21.73 -23.58
CA LYS A 276 -6.88 -21.88 -24.02
C LYS A 276 -6.16 -22.89 -23.14
N GLY A 277 -6.86 -23.46 -22.14
CA GLY A 277 -6.31 -24.44 -21.19
C GLY A 277 -5.16 -23.88 -20.38
N ILE A 278 -5.12 -22.57 -20.08
CA ILE A 278 -3.96 -22.04 -19.31
C ILE A 278 -4.39 -21.55 -17.92
N GLY A 279 -3.54 -21.85 -16.94
CA GLY A 279 -3.52 -21.31 -15.57
C GLY A 279 -2.36 -20.34 -15.40
N ILE A 280 -2.59 -19.28 -14.64
CA ILE A 280 -1.64 -18.16 -14.40
C ILE A 280 -1.55 -17.97 -12.87
N SER A 281 -0.34 -17.80 -12.37
CA SER A 281 -0.09 -17.29 -11.00
C SER A 281 1.07 -16.30 -11.06
N LEU A 282 1.03 -15.25 -10.25
CA LEU A 282 2.13 -14.29 -10.20
C LEU A 282 2.23 -13.69 -8.81
N LYS A 283 3.36 -13.04 -8.54
CA LYS A 283 3.70 -12.43 -7.22
C LYS A 283 4.52 -11.17 -7.53
N SER A 284 4.05 -10.04 -7.02
CA SER A 284 4.88 -8.83 -6.86
C SER A 284 5.76 -9.08 -5.62
N GLU A 285 7.08 -9.01 -5.77
CA GLU A 285 8.04 -9.40 -4.71
C GLU A 285 7.79 -8.60 -3.43
N ASP A 286 7.40 -7.32 -3.58
CA ASP A 286 7.25 -6.33 -2.47
C ASP A 286 5.85 -6.43 -1.87
N GLY A 287 4.94 -7.09 -2.57
CA GLY A 287 3.58 -7.38 -2.09
C GLY A 287 2.55 -6.32 -2.46
N ALA A 288 2.85 -5.37 -3.35
CA ALA A 288 1.93 -4.27 -3.73
C ALA A 288 0.84 -4.78 -4.69
N THR A 289 -0.42 -4.59 -4.30
CA THR A 289 -1.63 -4.85 -5.13
C THR A 289 -1.55 -4.16 -6.51
N ARG A 290 -1.14 -2.90 -6.57
CA ARG A 290 -1.10 -2.15 -7.85
C ARG A 290 -0.16 -2.83 -8.85
N ALA A 291 0.94 -3.43 -8.39
CA ALA A 291 1.93 -4.09 -9.28
C ALA A 291 1.34 -5.39 -9.83
N ALA A 292 0.69 -6.15 -8.95
CA ALA A 292 0.06 -7.44 -9.27
C ALA A 292 -1.08 -7.22 -10.29
N GLU A 293 -1.85 -6.14 -10.13
CA GLU A 293 -2.96 -5.81 -11.07
C GLU A 293 -2.36 -5.55 -12.46
N ALA A 294 -1.36 -4.67 -12.59
CA ALA A 294 -0.70 -4.39 -13.89
C ALA A 294 -0.18 -5.70 -14.49
N MET A 295 0.49 -6.52 -13.68
CA MET A 295 1.16 -7.76 -14.13
C MET A 295 0.11 -8.72 -14.70
N VAL A 296 -1.02 -8.91 -14.01
CA VAL A 296 -2.01 -9.94 -14.41
C VAL A 296 -2.64 -9.48 -15.73
N ALA A 297 -2.91 -8.19 -15.90
CA ALA A 297 -3.50 -7.63 -17.13
C ALA A 297 -2.54 -7.85 -18.31
N ALA A 298 -1.26 -7.51 -18.13
CA ALA A 298 -0.23 -7.61 -19.19
C ALA A 298 0.04 -9.08 -19.53
N THR A 299 -0.11 -9.99 -18.56
CA THR A 299 0.15 -11.43 -18.75
C THR A 299 -1.00 -11.99 -19.60
N LEU A 300 -2.23 -11.64 -19.23
CA LEU A 300 -3.46 -12.04 -19.97
C LEU A 300 -3.36 -11.52 -21.42
N ALA A 301 -2.90 -10.29 -21.60
CA ALA A 301 -2.86 -9.58 -22.90
C ALA A 301 -2.09 -10.43 -23.92
N ARG A 302 -1.07 -11.17 -23.49
CA ARG A 302 -0.21 -12.03 -24.37
C ARG A 302 -1.05 -13.05 -25.14
N PHE A 303 -2.20 -13.43 -24.60
CA PHE A 303 -3.06 -14.53 -25.10
C PHE A 303 -4.24 -13.99 -25.90
N PHE A 304 -4.35 -12.68 -26.08
CA PHE A 304 -5.47 -12.06 -26.81
C PHE A 304 -4.97 -11.06 -27.84
N GLU A 305 -3.75 -11.28 -28.36
CA GLU A 305 -3.08 -10.38 -29.33
C GLU A 305 -3.79 -10.38 -30.69
N THR A 306 -4.67 -11.34 -31.01
CA THR A 306 -5.43 -11.33 -32.29
C THR A 306 -6.87 -10.82 -32.08
N GLU A 307 -7.24 -10.43 -30.85
CA GLU A 307 -8.55 -9.77 -30.53
C GLU A 307 -8.32 -8.34 -30.04
N GLU A 308 -8.36 -7.38 -30.95
CA GLU A 308 -7.87 -6.01 -30.76
C GLU A 308 -8.59 -5.35 -29.58
N THR A 309 -9.91 -5.52 -29.48
CA THR A 309 -10.78 -4.88 -28.45
C THR A 309 -10.43 -5.42 -27.06
N VAL A 310 -10.25 -6.73 -26.95
CA VAL A 310 -9.94 -7.40 -25.66
C VAL A 310 -8.51 -7.03 -25.24
N HIS A 311 -7.57 -7.01 -26.18
CA HIS A 311 -6.14 -6.64 -25.95
C HIS A 311 -6.04 -5.20 -25.44
N ALA A 312 -6.73 -4.26 -26.10
CA ALA A 312 -6.73 -2.82 -25.75
C ALA A 312 -7.29 -2.67 -24.33
N ALA A 313 -8.38 -3.36 -24.02
CA ALA A 313 -9.07 -3.27 -22.71
C ALA A 313 -8.10 -3.76 -21.63
N LEU A 314 -7.40 -4.86 -21.90
CA LEU A 314 -6.40 -5.45 -20.95
C LEU A 314 -5.21 -4.50 -20.81
N MET A 315 -4.69 -3.95 -21.91
CA MET A 315 -3.54 -2.99 -21.87
C MET A 315 -3.92 -1.75 -21.06
N ALA A 316 -5.20 -1.37 -21.01
CA ALA A 316 -5.66 -0.19 -20.24
C ALA A 316 -5.49 -0.43 -18.74
N PHE A 317 -5.38 -1.69 -18.31
CA PHE A 317 -5.05 -2.10 -16.91
C PHE A 317 -3.54 -2.28 -16.74
N ALA A 318 -2.85 -2.71 -17.79
CA ALA A 318 -1.38 -2.94 -17.77
C ALA A 318 -0.67 -1.59 -17.66
N ALA A 319 -1.29 -0.52 -18.17
CA ALA A 319 -0.70 0.83 -18.25
C ALA A 319 -1.79 1.87 -18.06
N MET A 320 -1.75 2.58 -16.92
CA MET A 320 -2.83 3.45 -16.39
C MET A 320 -2.28 4.82 -16.01
N PRO A 321 -2.99 5.91 -16.39
CA PRO A 321 -2.72 7.22 -15.79
C PRO A 321 -3.04 7.26 -14.30
N MET A 322 -2.20 7.92 -13.52
CA MET A 322 -2.48 8.31 -12.12
C MET A 322 -2.75 9.82 -12.10
N ARG A 323 -3.77 10.26 -11.36
CA ARG A 323 -4.16 11.68 -11.23
C ARG A 323 -4.06 12.09 -9.75
N ASN A 324 -3.70 13.33 -9.46
CA ASN A 324 -3.65 13.85 -8.06
C ASN A 324 -5.05 14.32 -7.64
N TRP A 325 -5.16 14.95 -6.48
CA TRP A 325 -6.44 15.39 -5.84
C TRP A 325 -7.18 16.41 -6.73
N ASN A 326 -6.48 17.22 -7.52
CA ASN A 326 -7.10 18.16 -8.49
C ASN A 326 -7.41 17.46 -9.81
N GLY A 327 -7.15 16.15 -9.94
CA GLY A 327 -7.38 15.40 -11.20
C GLY A 327 -6.37 15.70 -12.30
N ILE A 328 -5.18 16.21 -11.96
CA ILE A 328 -4.05 16.41 -12.93
C ILE A 328 -3.31 15.07 -13.10
N HIS A 329 -3.08 14.68 -14.35
CA HIS A 329 -2.22 13.53 -14.74
C HIS A 329 -0.80 13.84 -14.27
N VAL A 330 -0.27 13.04 -13.33
CA VAL A 330 1.07 13.24 -12.70
C VAL A 330 2.05 12.15 -13.17
N GLY A 331 1.56 11.03 -13.69
CA GLY A 331 2.38 9.84 -14.03
C GLY A 331 1.55 8.61 -14.37
N ASP A 332 2.20 7.47 -14.61
CA ASP A 332 1.58 6.20 -15.04
C ASP A 332 2.13 5.04 -14.20
N ILE A 333 1.28 4.03 -13.94
CA ILE A 333 1.70 2.66 -13.52
C ILE A 333 1.74 1.85 -14.81
N ARG A 334 2.84 1.18 -15.12
CA ARG A 334 2.94 0.47 -16.42
C ARG A 334 3.79 -0.79 -16.24
N ALA A 335 3.20 -1.92 -16.59
CA ALA A 335 3.92 -3.19 -16.82
C ALA A 335 5.04 -2.89 -17.82
N THR A 336 6.21 -3.53 -17.63
CA THR A 336 7.42 -3.27 -18.43
C THR A 336 7.29 -4.12 -19.70
N SER A 337 8.25 -3.98 -20.60
CA SER A 337 8.25 -4.68 -21.90
C SER A 337 8.70 -6.15 -21.76
N VAL A 338 9.04 -6.64 -20.57
CA VAL A 338 9.22 -8.12 -20.37
C VAL A 338 7.91 -8.88 -20.68
N PHE A 339 6.73 -8.25 -20.60
CA PHE A 339 5.44 -8.96 -20.83
C PHE A 339 5.14 -9.02 -22.33
N SER A 340 5.92 -8.36 -23.19
CA SER A 340 5.73 -8.42 -24.67
C SER A 340 6.98 -8.97 -25.35
N ALA A 341 7.89 -9.61 -24.61
CA ALA A 341 9.16 -10.15 -25.16
C ALA A 341 9.03 -11.68 -25.30
N THR B 8 22.19 -2.35 -8.18
CA THR B 8 20.87 -2.73 -7.57
C THR B 8 20.90 -2.50 -6.04
N ASN B 9 19.72 -2.36 -5.47
CA ASN B 9 19.54 -1.93 -4.05
C ASN B 9 19.41 -3.21 -3.24
N PRO B 10 19.98 -3.26 -2.02
CA PRO B 10 19.91 -4.47 -1.22
C PRO B 10 18.48 -4.70 -0.69
N VAL B 11 18.15 -5.92 -0.24
CA VAL B 11 16.88 -6.18 0.49
C VAL B 11 17.01 -5.52 1.87
N THR B 12 16.20 -4.49 2.13
CA THR B 12 16.25 -3.66 3.35
C THR B 12 15.18 -4.11 4.34
N VAL B 13 14.06 -4.64 3.86
CA VAL B 13 12.90 -4.99 4.73
C VAL B 13 12.33 -6.32 4.25
N GLU B 14 11.98 -7.18 5.20
CA GLU B 14 11.31 -8.48 4.96
C GLU B 14 9.99 -8.49 5.74
N VAL B 15 8.97 -9.07 5.12
CA VAL B 15 7.61 -9.26 5.71
C VAL B 15 7.43 -10.77 5.77
N THR B 16 7.23 -11.30 6.97
CA THR B 16 7.19 -12.75 7.22
C THR B 16 5.75 -13.19 7.45
N ARG B 17 5.52 -14.48 7.22
CA ARG B 17 4.25 -15.15 7.62
C ARG B 17 4.58 -16.60 7.95
N GLY B 18 4.05 -17.15 9.05
CA GLY B 18 4.52 -18.44 9.56
C GLY B 18 6.05 -18.43 9.70
N LEU B 19 6.75 -19.35 9.08
CA LEU B 19 8.22 -19.50 9.19
C LEU B 19 8.95 -18.99 7.93
N LEU B 20 8.28 -18.26 7.04
CA LEU B 20 8.84 -17.89 5.70
C LEU B 20 8.78 -16.37 5.50
N VAL B 21 9.71 -15.83 4.72
CA VAL B 21 9.60 -14.46 4.15
C VAL B 21 8.49 -14.48 3.09
N GLU B 22 7.48 -13.64 3.23
CA GLU B 22 6.31 -13.59 2.30
C GLU B 22 6.56 -12.53 1.22
N SER B 23 7.18 -11.41 1.62
CA SER B 23 7.47 -10.25 0.74
C SER B 23 8.78 -9.58 1.20
N ARG B 24 9.41 -8.86 0.29
CA ARG B 24 10.76 -8.26 0.40
C ARG B 24 10.72 -6.86 -0.24
N HIS B 25 11.35 -5.90 0.43
CA HIS B 25 11.52 -4.50 -0.05
C HIS B 25 13.01 -4.23 -0.25
N ARG B 26 13.37 -3.66 -1.41
CA ARG B 26 14.75 -3.16 -1.69
C ARG B 26 14.78 -1.63 -1.49
N GLY B 27 15.93 -1.07 -1.15
CA GLY B 27 15.97 0.37 -0.82
C GLY B 27 17.37 0.94 -0.78
N ALA B 28 17.42 2.27 -0.65
CA ALA B 28 18.64 3.09 -0.56
C ALA B 28 18.52 4.00 0.66
N VAL B 29 19.67 4.30 1.27
CA VAL B 29 19.81 5.06 2.52
C VAL B 29 21.10 5.86 2.38
N ALA B 30 21.01 7.17 2.63
CA ALA B 30 22.15 8.09 2.74
C ALA B 30 22.11 8.72 4.13
N VAL B 31 23.22 8.60 4.87
CA VAL B 31 23.48 9.36 6.11
C VAL B 31 24.72 10.21 5.88
N VAL B 32 24.55 11.52 6.02
CA VAL B 32 25.56 12.55 5.67
C VAL B 32 25.67 13.52 6.84
N ASP B 33 26.86 14.03 7.14
CA ASP B 33 27.02 15.08 8.20
C ASP B 33 26.91 16.47 7.55
N GLY B 34 26.96 17.52 8.35
CA GLY B 34 26.90 18.94 7.92
C GLY B 34 27.96 19.29 6.88
N ASP B 35 29.10 18.61 6.85
CA ASP B 35 30.22 18.93 5.93
C ASP B 35 30.05 18.18 4.60
N GLY B 36 29.08 17.27 4.49
CA GLY B 36 28.83 16.44 3.29
C GLY B 36 29.50 15.08 3.37
N LYS B 37 30.10 14.73 4.51
CA LYS B 37 30.75 13.40 4.70
C LYS B 37 29.68 12.30 4.83
N LEU B 38 29.84 11.23 4.06
CA LEU B 38 28.98 10.03 4.09
C LEU B 38 29.33 9.17 5.31
N PHE B 39 28.38 8.95 6.23
CA PHE B 39 28.58 8.11 7.44
C PHE B 39 28.12 6.67 7.17
N PHE B 40 27.22 6.46 6.24
CA PHE B 40 26.52 5.16 6.07
C PHE B 40 25.66 5.27 4.83
N SER B 41 25.63 4.20 4.06
CA SER B 41 24.86 4.18 2.80
C SER B 41 24.51 2.74 2.44
N LEU B 42 23.34 2.62 1.81
CA LEU B 42 22.85 1.38 1.19
C LEU B 42 22.35 1.73 -0.21
N GLY B 43 22.64 0.89 -1.18
CA GLY B 43 22.04 1.04 -2.52
C GLY B 43 22.49 2.33 -3.20
N ASP B 44 21.63 2.81 -4.09
CA ASP B 44 21.91 3.89 -5.05
C ASP B 44 21.47 5.21 -4.43
N ILE B 45 22.43 5.99 -3.92
CA ILE B 45 22.17 7.31 -3.31
C ILE B 45 22.55 8.39 -4.32
N ASP B 46 22.83 8.02 -5.57
CA ASP B 46 23.27 8.98 -6.61
C ASP B 46 22.22 9.15 -7.70
N THR B 47 21.18 8.31 -7.79
CA THR B 47 20.11 8.48 -8.81
C THR B 47 19.00 9.39 -8.26
N ALA B 48 18.47 10.26 -9.12
CA ALA B 48 17.49 11.28 -8.69
C ALA B 48 16.21 10.54 -8.23
N VAL B 49 15.70 10.86 -7.02
CA VAL B 49 14.42 10.32 -6.51
C VAL B 49 13.54 11.50 -6.05
N PHE B 50 12.22 11.39 -6.25
CA PHE B 50 11.29 12.45 -5.80
C PHE B 50 11.20 12.42 -4.27
N PRO B 51 11.54 13.54 -3.59
CA PRO B 51 11.43 13.61 -2.13
C PRO B 51 9.96 13.67 -1.69
N ARG B 52 9.11 14.19 -2.58
CA ARG B 52 7.65 14.39 -2.30
C ARG B 52 7.54 15.22 -1.01
N SER B 53 6.71 14.78 -0.07
CA SER B 53 6.40 15.52 1.19
C SER B 53 7.53 15.46 2.23
N ALA B 54 8.58 14.65 2.00
CA ALA B 54 9.69 14.48 2.96
C ALA B 54 10.51 15.78 3.13
N CYS B 55 10.43 16.73 2.20
CA CYS B 55 11.29 17.94 2.19
C CYS B 55 10.45 19.19 2.50
N LYS B 56 9.31 19.00 3.14
CA LYS B 56 8.37 20.11 3.49
C LYS B 56 9.05 21.16 4.37
N ALA B 57 9.92 20.74 5.28
CA ALA B 57 10.66 21.66 6.17
C ALA B 57 11.49 22.62 5.32
N MET B 58 12.12 22.14 4.24
CA MET B 58 12.91 22.98 3.32
C MET B 58 11.99 24.01 2.64
N GLN B 59 10.78 23.59 2.27
CA GLN B 59 9.82 24.45 1.50
C GLN B 59 9.17 25.48 2.42
N ALA B 60 9.28 25.28 3.73
CA ALA B 60 8.73 26.20 4.75
C ALA B 60 9.71 27.37 5.02
N LEU B 61 10.89 27.41 4.40
CA LEU B 61 11.88 28.48 4.70
C LEU B 61 11.35 29.85 4.25
N PRO B 62 10.74 30.00 3.05
CA PRO B 62 10.13 31.28 2.68
C PRO B 62 9.21 31.85 3.77
N LEU B 63 8.33 31.00 4.31
CA LEU B 63 7.39 31.42 5.38
C LEU B 63 8.18 32.07 6.51
N VAL B 64 9.24 31.42 7.01
CA VAL B 64 10.00 31.97 8.17
C VAL B 64 10.91 33.13 7.71
N GLU B 65 11.74 32.92 6.69
CA GLU B 65 12.79 33.88 6.24
C GLU B 65 12.16 35.20 5.78
N SER B 66 10.93 35.17 5.24
CA SER B 66 10.27 36.37 4.67
C SER B 66 9.85 37.32 5.82
N GLY B 67 9.75 36.81 7.06
CA GLY B 67 9.18 37.50 8.21
C GLY B 67 7.72 37.17 8.42
N ALA B 68 7.10 36.44 7.49
CA ALA B 68 5.65 36.16 7.50
C ALA B 68 5.26 35.46 8.82
N ALA B 69 6.00 34.42 9.21
CA ALA B 69 5.70 33.64 10.43
C ALA B 69 5.60 34.59 11.63
N ASP B 70 6.57 35.49 11.78
CA ASP B 70 6.65 36.41 12.94
C ASP B 70 5.56 37.47 12.83
N ALA B 71 5.29 37.98 11.62
CA ALA B 71 4.27 39.01 11.36
C ALA B 71 2.88 38.48 11.69
N TYR B 72 2.61 37.20 11.45
CA TYR B 72 1.24 36.61 11.63
C TYR B 72 1.19 35.90 12.99
N GLY B 73 2.23 36.04 13.79
CA GLY B 73 2.28 35.50 15.17
C GLY B 73 2.34 33.99 15.20
N PHE B 74 2.95 33.33 14.23
CA PHE B 74 3.04 31.84 14.17
C PHE B 74 4.02 31.34 15.23
N GLY B 75 3.61 30.39 16.06
CA GLY B 75 4.53 29.64 16.97
C GLY B 75 4.91 28.27 16.40
N ASP B 76 5.41 27.39 17.27
CA ASP B 76 5.89 26.05 16.88
C ASP B 76 4.77 25.23 16.21
N LYS B 77 3.52 25.38 16.63
CA LYS B 77 2.39 24.57 16.09
C LYS B 77 2.18 24.93 14.61
N GLU B 78 2.18 26.22 14.28
CA GLU B 78 1.97 26.68 12.90
C GLU B 78 3.15 26.22 12.01
N LEU B 79 4.38 26.30 12.50
CA LEU B 79 5.57 25.95 11.68
C LEU B 79 5.58 24.43 11.44
N ALA B 80 5.25 23.66 12.47
CA ALA B 80 5.13 22.19 12.36
C ALA B 80 4.08 21.85 11.30
N LEU B 81 2.98 22.61 11.25
CA LEU B 81 1.86 22.30 10.32
C LEU B 81 2.28 22.68 8.91
N ALA B 82 3.07 23.76 8.76
CA ALA B 82 3.67 24.18 7.48
C ALA B 82 4.62 23.09 6.98
N CYS B 83 5.22 22.31 7.89
CA CYS B 83 6.20 21.23 7.56
C CYS B 83 5.50 19.88 7.50
N ALA B 84 4.17 19.88 7.56
CA ALA B 84 3.39 18.64 7.90
C ALA B 84 2.73 17.95 6.69
N SER B 85 2.73 16.62 6.73
CA SER B 85 1.71 15.79 6.00
C SER B 85 0.67 15.30 7.02
N HIS B 86 -0.32 16.12 7.36
CA HIS B 86 -1.21 15.86 8.54
C HIS B 86 -2.44 14.99 8.17
N ASN B 87 -3.09 14.46 9.20
CA ASN B 87 -4.25 13.54 9.15
C ASN B 87 -5.56 14.24 8.76
N GLY B 88 -5.64 15.57 8.87
CA GLY B 88 -6.89 16.31 8.65
C GLY B 88 -7.81 16.15 9.85
N GLU B 89 -7.23 16.02 11.04
CA GLU B 89 -7.98 16.07 12.33
C GLU B 89 -8.42 17.52 12.57
N GLU B 90 -9.40 17.70 13.44
CA GLU B 90 -10.01 19.03 13.71
C GLU B 90 -8.92 20.02 14.12
N GLU B 91 -7.95 19.61 14.93
CA GLU B 91 -6.83 20.45 15.41
C GLU B 91 -6.07 21.00 14.20
N HIS B 92 -5.79 20.13 13.22
CA HIS B 92 -5.00 20.46 12.00
C HIS B 92 -5.79 21.45 11.12
N VAL B 93 -7.07 21.17 10.91
CA VAL B 93 -7.98 21.96 10.04
C VAL B 93 -8.17 23.34 10.66
N ALA B 94 -8.43 23.39 11.96
CA ALA B 94 -8.60 24.65 12.74
C ALA B 94 -7.34 25.51 12.58
N LEU B 95 -6.16 24.91 12.70
CA LEU B 95 -4.88 25.67 12.68
C LEU B 95 -4.59 26.21 11.28
N ALA B 96 -4.81 25.42 10.23
CA ALA B 96 -4.66 25.84 8.81
C ALA B 96 -5.58 27.04 8.52
N ALA B 97 -6.83 26.98 8.99
CA ALA B 97 -7.86 28.04 8.83
C ALA B 97 -7.40 29.30 9.58
N SER B 98 -6.85 29.12 10.77
CA SER B 98 -6.28 30.18 11.64
C SER B 98 -5.12 30.84 10.90
N MET B 99 -4.24 30.06 10.29
CA MET B 99 -3.06 30.56 9.53
C MET B 99 -3.52 31.43 8.34
N LEU B 100 -4.44 30.91 7.52
CA LEU B 100 -4.94 31.65 6.33
C LEU B 100 -5.63 32.95 6.79
N SER B 101 -6.37 32.89 7.90
CA SER B 101 -7.21 34.00 8.42
C SER B 101 -6.30 35.18 8.78
N ARG B 102 -5.14 34.90 9.38
CA ARG B 102 -4.24 35.95 9.88
C ARG B 102 -3.62 36.68 8.68
N ALA B 103 -3.63 36.10 7.48
CA ALA B 103 -3.11 36.72 6.24
C ALA B 103 -4.25 37.32 5.42
N GLY B 104 -5.45 37.31 5.99
CA GLY B 104 -6.66 37.86 5.35
C GLY B 104 -7.25 36.92 4.33
N ARG B 105 -6.89 35.62 4.34
CA ARG B 105 -7.41 34.64 3.36
C ARG B 105 -8.24 33.55 4.05
N ASN B 106 -8.78 32.64 3.27
CA ASN B 106 -9.46 31.45 3.82
C ASN B 106 -9.26 30.27 2.85
N VAL B 107 -10.02 29.20 3.06
CA VAL B 107 -9.91 27.92 2.33
C VAL B 107 -9.91 28.18 0.82
N GLU B 108 -10.64 29.20 0.35
CA GLU B 108 -10.85 29.45 -1.10
C GLU B 108 -9.52 29.76 -1.81
N ALA B 109 -8.52 30.24 -1.06
CA ALA B 109 -7.17 30.59 -1.58
C ALA B 109 -6.32 29.33 -1.80
N LEU B 110 -6.62 28.20 -1.14
CA LEU B 110 -5.84 26.94 -1.32
C LEU B 110 -6.08 26.38 -2.72
N GLU B 111 -5.04 25.85 -3.34
CA GLU B 111 -5.10 25.29 -4.71
C GLU B 111 -4.66 23.81 -4.66
N CYS B 112 -4.68 23.17 -3.49
CA CYS B 112 -4.15 21.79 -3.27
C CYS B 112 -5.22 20.72 -3.55
N GLY B 113 -6.49 21.13 -3.57
CA GLY B 113 -7.66 20.22 -3.67
C GLY B 113 -8.00 19.63 -2.33
N ALA B 114 -9.07 18.86 -2.26
CA ALA B 114 -9.55 18.15 -1.04
C ALA B 114 -9.27 16.65 -1.16
N HIS B 115 -9.09 15.96 -0.04
CA HIS B 115 -9.04 14.48 0.02
C HIS B 115 -9.41 14.01 1.44
N TRP B 116 -9.96 12.80 1.53
CA TRP B 116 -10.27 12.15 2.84
C TRP B 116 -8.97 11.75 3.53
N SER B 117 -8.99 11.65 4.86
CA SER B 117 -7.80 11.31 5.65
C SER B 117 -7.20 9.99 5.16
N MET B 118 -5.88 9.89 5.17
CA MET B 118 -5.19 8.60 4.90
C MET B 118 -4.90 7.89 6.24
N ASN B 119 -5.36 8.44 7.37
CA ASN B 119 -5.61 7.67 8.62
C ASN B 119 -7.06 7.15 8.65
N GLN B 120 -7.27 5.85 8.69
CA GLN B 120 -8.62 5.22 8.58
C GLN B 120 -9.60 5.76 9.62
N LYS B 121 -9.16 5.87 10.87
CA LYS B 121 -10.00 6.31 12.02
C LYS B 121 -10.43 7.75 11.82
N VAL B 122 -9.56 8.58 11.28
CA VAL B 122 -9.89 10.01 11.02
C VAL B 122 -10.88 10.06 9.84
N LEU B 123 -10.67 9.25 8.80
CA LEU B 123 -11.58 9.17 7.62
C LEU B 123 -12.99 8.82 8.12
N ILE B 124 -13.10 7.83 9.00
CA ILE B 124 -14.41 7.41 9.57
C ILE B 124 -15.07 8.63 10.21
N GLN B 125 -14.32 9.38 11.02
CA GLN B 125 -14.79 10.61 11.69
C GLN B 125 -15.20 11.67 10.66
N GLN B 126 -14.39 11.87 9.63
CA GLN B 126 -14.63 12.87 8.56
C GLN B 126 -15.92 12.52 7.83
N ALA B 127 -16.03 11.26 7.36
CA ALA B 127 -17.20 10.71 6.64
C ALA B 127 -18.48 10.87 7.47
N ARG B 128 -18.39 10.68 8.80
CA ARG B 128 -19.56 10.76 9.72
C ARG B 128 -20.00 12.22 9.89
N SER B 129 -19.09 13.19 9.74
CA SER B 129 -19.41 14.60 10.07
C SER B 129 -19.43 15.52 8.83
N LEU B 130 -19.03 15.05 7.64
CA LEU B 130 -18.94 15.90 6.42
C LEU B 130 -19.57 15.21 5.22
N ASP B 131 -20.18 15.96 4.32
CA ASP B 131 -20.58 15.48 2.97
C ASP B 131 -19.31 15.20 2.16
N ALA B 132 -18.31 16.08 2.32
CA ALA B 132 -17.07 16.07 1.52
C ALA B 132 -16.00 16.78 2.32
N PRO B 133 -14.72 16.35 2.19
CA PRO B 133 -13.64 17.11 2.82
C PRO B 133 -13.45 18.43 2.04
N THR B 134 -12.81 19.41 2.64
CA THR B 134 -12.41 20.69 2.00
C THR B 134 -10.90 20.64 1.77
N ALA B 135 -10.35 21.70 1.15
CA ALA B 135 -8.90 21.80 0.90
C ALA B 135 -8.14 21.90 2.24
N LEU B 136 -8.80 22.36 3.32
CA LEU B 136 -8.20 22.42 4.67
C LEU B 136 -7.84 21.01 5.18
N HIS B 137 -8.61 20.00 4.80
CA HIS B 137 -8.43 18.58 5.23
C HIS B 137 -7.22 17.97 4.51
N ASN B 138 -6.80 18.57 3.40
CA ASN B 138 -5.62 18.12 2.62
C ASN B 138 -4.42 18.11 3.56
N ASN B 139 -3.66 17.02 3.54
CA ASN B 139 -2.47 16.80 4.39
C ASN B 139 -1.44 17.93 4.16
N CYS B 140 -1.50 18.59 3.01
CA CYS B 140 -0.57 19.70 2.64
C CYS B 140 -1.16 21.09 2.96
N SER B 141 -2.29 21.18 3.64
CA SER B 141 -3.01 22.47 3.82
C SER B 141 -2.15 23.43 4.67
N GLY B 142 -1.31 22.89 5.56
CA GLY B 142 -0.43 23.70 6.43
C GLY B 142 0.67 24.35 5.61
N LYS B 143 1.29 23.54 4.76
CA LYS B 143 2.38 23.98 3.87
C LYS B 143 1.84 25.05 2.92
N HIS B 144 0.64 24.83 2.36
CA HIS B 144 0.02 25.75 1.37
C HIS B 144 -0.39 27.06 2.06
N ALA B 145 -0.91 27.01 3.28
CA ALA B 145 -1.21 28.20 4.09
C ALA B 145 0.08 28.97 4.40
N GLY B 146 1.17 28.27 4.69
CA GLY B 146 2.53 28.85 4.80
C GLY B 146 2.92 29.59 3.53
N PHE B 147 2.71 28.96 2.37
CA PHE B 147 3.02 29.52 1.03
C PHE B 147 2.22 30.81 0.81
N ILE B 148 0.94 30.77 1.13
CA ILE B 148 -0.01 31.91 0.90
C ILE B 148 0.36 33.05 1.86
N CYS B 149 0.78 32.72 3.09
CA CYS B 149 1.22 33.72 4.12
C CYS B 149 2.51 34.38 3.63
N ALA B 150 3.45 33.57 3.13
CA ALA B 150 4.74 34.07 2.60
C ALA B 150 4.47 35.08 1.46
N CYS B 151 3.48 34.82 0.61
CA CYS B 151 3.10 35.69 -0.53
C CYS B 151 2.46 36.99 -0.01
N CYS B 152 1.47 36.88 0.87
CA CYS B 152 0.63 38.03 1.31
C CYS B 152 1.50 39.02 2.10
N HIS B 153 2.39 38.51 2.94
CA HIS B 153 3.32 39.34 3.76
C HIS B 153 4.19 40.21 2.86
N ARG B 154 4.58 39.72 1.69
CA ARG B 154 5.48 40.44 0.73
C ARG B 154 4.66 41.11 -0.39
N ASP B 155 3.35 41.22 -0.23
CA ASP B 155 2.44 41.84 -1.25
C ASP B 155 2.60 41.17 -2.60
N ILE B 156 2.85 39.87 -2.62
CA ILE B 156 2.81 39.01 -3.84
C ILE B 156 1.43 38.34 -3.89
N ASP B 157 0.80 38.39 -5.06
CA ASP B 157 -0.52 37.75 -5.29
C ASP B 157 -0.32 36.25 -5.14
N PRO B 158 -1.04 35.58 -4.20
CA PRO B 158 -0.92 34.15 -4.02
C PRO B 158 -1.56 33.34 -5.15
N LYS B 159 -2.44 33.94 -5.96
CA LYS B 159 -3.12 33.21 -7.05
C LYS B 159 -2.05 32.54 -7.94
N GLY B 160 -2.20 31.24 -8.18
CA GLY B 160 -1.29 30.40 -8.98
C GLY B 160 0.01 30.01 -8.27
N TYR B 161 0.07 30.11 -6.93
CA TYR B 161 1.30 29.85 -6.13
C TYR B 161 1.81 28.41 -6.34
N VAL B 162 1.02 27.52 -6.94
CA VAL B 162 1.40 26.09 -7.15
C VAL B 162 2.19 25.98 -8.45
N GLY B 163 2.08 26.96 -9.37
CA GLY B 163 2.69 26.88 -10.71
C GLY B 163 4.19 27.11 -10.71
N TYR B 164 4.92 26.30 -11.48
CA TYR B 164 6.38 26.38 -11.78
C TYR B 164 6.87 27.85 -11.85
N GLU B 165 6.13 28.74 -12.53
CA GLU B 165 6.61 30.12 -12.85
C GLU B 165 6.19 31.14 -11.79
N HIS B 166 5.39 30.78 -10.81
CA HIS B 166 5.04 31.70 -9.71
C HIS B 166 6.33 32.11 -8.99
N PRO B 167 6.48 33.41 -8.59
CA PRO B 167 7.67 33.86 -7.86
C PRO B 167 8.03 32.99 -6.65
N LEU B 168 7.01 32.45 -5.98
CA LEU B 168 7.22 31.60 -4.78
C LEU B 168 7.91 30.30 -5.19
N GLN B 169 7.51 29.66 -6.31
CA GLN B 169 8.15 28.39 -6.77
C GLN B 169 9.54 28.67 -7.33
N VAL B 170 9.75 29.84 -7.92
CA VAL B 170 11.11 30.32 -8.34
C VAL B 170 12.02 30.34 -7.10
N GLU B 171 11.52 30.93 -6.02
CA GLU B 171 12.25 31.07 -4.74
C GLU B 171 12.59 29.69 -4.18
N ILE B 172 11.62 28.77 -4.19
CA ILE B 172 11.76 27.43 -3.57
C ILE B 172 12.87 26.65 -4.30
N ARG B 173 12.93 26.75 -5.64
CA ARG B 173 14.02 26.14 -6.44
C ARG B 173 15.39 26.63 -5.94
N ALA B 174 15.51 27.94 -5.70
CA ALA B 174 16.77 28.57 -5.25
C ALA B 174 17.10 28.05 -3.85
N VAL B 175 16.15 28.10 -2.91
CA VAL B 175 16.35 27.70 -1.48
C VAL B 175 16.85 26.24 -1.42
N MET B 176 16.21 25.35 -2.16
CA MET B 176 16.52 23.91 -2.06
C MET B 176 17.82 23.58 -2.80
N GLU B 177 18.17 24.33 -3.86
CA GLU B 177 19.51 24.23 -4.48
C GLU B 177 20.59 24.62 -3.47
N ARG B 178 20.40 25.72 -2.74
CA ARG B 178 21.38 26.20 -1.71
C ARG B 178 21.58 25.14 -0.62
N LEU B 179 20.51 24.50 -0.12
CA LEU B 179 20.63 23.49 0.97
C LEU B 179 21.32 22.22 0.45
N THR B 180 20.93 21.74 -0.73
CA THR B 180 21.20 20.35 -1.19
C THR B 180 22.41 20.29 -2.14
N GLY B 181 22.71 21.38 -2.84
CA GLY B 181 23.70 21.34 -3.95
C GLY B 181 23.19 20.63 -5.19
N ALA B 182 21.94 20.19 -5.22
CA ALA B 182 21.31 19.55 -6.40
C ALA B 182 20.59 20.64 -7.20
N VAL B 183 20.66 20.56 -8.53
CA VAL B 183 19.98 21.52 -9.45
C VAL B 183 18.54 21.05 -9.60
N LEU B 184 17.59 21.97 -9.41
CA LEU B 184 16.13 21.67 -9.53
C LEU B 184 15.57 22.46 -10.71
N GLY B 185 15.10 21.75 -11.73
CA GLY B 185 14.70 22.30 -13.04
C GLY B 185 13.65 21.45 -13.69
N ALA B 186 13.27 21.75 -14.91
CA ALA B 186 12.14 21.13 -15.63
C ALA B 186 12.39 19.63 -15.81
N GLU B 187 13.62 19.20 -16.10
CA GLU B 187 13.88 17.78 -16.49
C GLU B 187 13.72 16.88 -15.24
N SER B 188 13.98 17.40 -14.03
CA SER B 188 13.83 16.66 -12.75
C SER B 188 12.42 16.89 -12.13
N CYS B 189 11.60 17.73 -12.76
CA CYS B 189 10.31 18.21 -12.20
C CYS B 189 9.15 17.27 -12.57
N GLY B 190 8.32 16.94 -11.58
CA GLY B 190 6.98 16.34 -11.74
C GLY B 190 5.96 17.18 -10.97
N THR B 191 4.67 16.89 -11.15
CA THR B 191 3.57 17.47 -10.34
C THR B 191 3.38 16.60 -9.09
N ASP B 192 3.36 17.23 -7.92
CA ASP B 192 3.17 16.59 -6.59
C ASP B 192 1.69 16.30 -6.37
N GLY B 193 1.35 15.57 -5.31
CA GLY B 193 -0.05 15.29 -4.90
C GLY B 193 -0.84 16.58 -4.78
N CYS B 194 -0.24 17.64 -4.25
CA CYS B 194 -0.95 18.90 -3.94
C CYS B 194 -0.80 19.91 -5.09
N SER B 195 -0.37 19.46 -6.27
CA SER B 195 -0.31 20.24 -7.54
C SER B 195 0.88 21.22 -7.56
N ILE B 196 1.77 21.21 -6.55
CA ILE B 196 3.03 22.02 -6.61
C ILE B 196 4.14 21.19 -7.26
N PRO B 197 5.24 21.81 -7.74
CA PRO B 197 6.35 21.02 -8.28
C PRO B 197 7.02 20.17 -7.18
N THR B 198 7.42 18.97 -7.58
CA THR B 198 8.36 18.11 -6.83
C THR B 198 9.52 17.79 -7.77
N TYR B 199 10.74 17.89 -7.24
CA TYR B 199 12.01 17.86 -8.02
C TYR B 199 12.81 16.65 -7.54
N ALA B 200 13.12 15.72 -8.44
CA ALA B 200 13.90 14.52 -8.09
C ALA B 200 15.36 14.94 -7.92
N MET B 201 16.00 14.41 -6.89
CA MET B 201 17.44 14.66 -6.62
C MET B 201 18.02 13.44 -5.92
N PRO B 202 19.34 13.23 -6.02
CA PRO B 202 19.98 12.10 -5.36
C PRO B 202 19.66 12.12 -3.85
N LEU B 203 19.60 10.94 -3.23
CA LEU B 203 19.39 10.83 -1.76
C LEU B 203 20.58 11.46 -1.03
N ARG B 204 21.78 11.36 -1.60
CA ARG B 204 23.00 11.95 -0.99
C ARG B 204 22.74 13.45 -0.75
N ASN B 205 22.20 14.14 -1.74
CA ASN B 205 22.00 15.61 -1.68
C ASN B 205 20.91 15.95 -0.66
N LEU B 206 19.83 15.18 -0.68
CA LEU B 206 18.65 15.40 0.18
C LEU B 206 19.08 15.25 1.65
N ALA B 207 19.85 14.21 1.97
CA ALA B 207 20.40 13.95 3.32
C ALA B 207 21.35 15.10 3.72
N HIS B 208 22.27 15.49 2.84
CA HIS B 208 23.21 16.63 3.07
C HIS B 208 22.38 17.86 3.47
N GLY B 209 21.34 18.18 2.68
CA GLY B 209 20.49 19.36 2.93
C GLY B 209 19.88 19.34 4.32
N PHE B 210 19.38 18.20 4.80
CA PHE B 210 18.82 18.09 6.17
C PHE B 210 19.95 18.21 7.21
N ALA B 211 21.15 17.75 6.89
CA ALA B 211 22.32 17.83 7.80
C ALA B 211 22.67 19.31 7.99
N ARG B 212 22.54 20.10 6.93
CA ARG B 212 22.81 21.55 6.96
C ARG B 212 21.69 22.27 7.71
N MET B 213 20.43 21.88 7.52
CA MET B 213 19.32 22.51 8.27
C MET B 213 19.52 22.25 9.78
N ALA B 214 20.02 21.08 10.13
CA ALA B 214 20.17 20.63 11.53
C ALA B 214 21.34 21.35 12.22
N THR B 215 22.39 21.72 11.47
CA THR B 215 23.68 22.20 12.04
C THR B 215 23.99 23.66 11.68
N GLY B 216 23.42 24.22 10.63
CA GLY B 216 23.77 25.56 10.12
C GLY B 216 25.02 25.57 9.26
N THR B 217 25.73 24.44 9.14
CA THR B 217 27.01 24.35 8.39
C THR B 217 26.81 24.82 6.94
N GLY B 218 27.53 25.88 6.56
CA GLY B 218 27.59 26.40 5.18
C GLY B 218 26.36 27.22 4.83
N LEU B 219 25.56 27.67 5.80
CA LEU B 219 24.34 28.46 5.53
C LEU B 219 24.53 29.92 6.02
N GLU B 220 23.96 30.89 5.29
CA GLU B 220 23.71 32.28 5.78
C GLU B 220 23.14 32.19 7.19
N PRO B 221 23.52 33.06 8.15
CA PRO B 221 22.93 33.03 9.50
C PRO B 221 21.39 33.06 9.59
N LEU B 222 20.69 33.89 8.81
CA LEU B 222 19.20 33.95 8.80
C LEU B 222 18.66 32.56 8.38
N ARG B 223 19.25 31.94 7.36
CA ARG B 223 18.82 30.60 6.87
C ARG B 223 19.13 29.53 7.92
N ALA B 224 20.31 29.55 8.56
CA ALA B 224 20.67 28.66 9.68
C ALA B 224 19.60 28.73 10.78
N LYS B 225 19.16 29.94 11.12
CA LYS B 225 18.28 30.25 12.27
C LYS B 225 16.85 29.82 11.92
N ALA B 226 16.39 30.14 10.72
CA ALA B 226 15.07 29.72 10.20
C ALA B 226 15.05 28.19 10.11
N SER B 227 16.13 27.58 9.58
CA SER B 227 16.24 26.11 9.42
C SER B 227 16.11 25.45 10.79
N ARG B 228 16.86 25.96 11.78
CA ARG B 228 16.92 25.37 13.14
C ARG B 228 15.55 25.49 13.79
N ARG B 229 14.87 26.60 13.54
CA ARG B 229 13.58 26.96 14.16
C ARG B 229 12.50 26.00 13.64
N LEU B 230 12.48 25.71 12.34
CA LEU B 230 11.53 24.76 11.72
C LEU B 230 11.79 23.36 12.29
N ILE B 231 13.05 22.94 12.35
CA ILE B 231 13.40 21.57 12.82
C ILE B 231 12.99 21.43 14.28
N GLU B 232 13.22 22.45 15.10
CA GLU B 232 12.87 22.45 16.54
C GLU B 232 11.34 22.44 16.71
N ALA B 233 10.61 23.11 15.83
CA ALA B 233 9.12 23.23 15.91
C ALA B 233 8.50 21.85 15.67
N CYS B 234 8.94 21.17 14.61
CA CYS B 234 8.50 19.79 14.28
C CYS B 234 8.74 18.88 15.50
N MET B 235 9.90 19.01 16.15
CA MET B 235 10.24 18.13 17.29
C MET B 235 9.45 18.55 18.55
N ALA B 236 9.04 19.81 18.65
CA ALA B 236 8.34 20.33 19.85
C ALA B 236 6.83 20.08 19.72
N GLU B 237 6.30 19.98 18.49
CA GLU B 237 4.85 19.79 18.22
C GLU B 237 4.62 18.63 17.26
N PRO B 238 5.04 17.40 17.58
CA PRO B 238 5.07 16.33 16.60
C PRO B 238 3.67 15.91 16.13
N PHE B 239 2.64 16.17 16.93
CA PHE B 239 1.24 15.86 16.58
C PHE B 239 0.89 16.62 15.30
N TYR B 240 1.38 17.86 15.21
CA TYR B 240 0.99 18.81 14.13
C TYR B 240 1.72 18.47 12.82
N VAL B 241 2.73 17.60 12.88
CA VAL B 241 3.50 17.16 11.69
C VAL B 241 2.75 16.02 10.98
N ALA B 242 1.90 15.29 11.71
CA ALA B 242 1.27 14.06 11.18
C ALA B 242 -0.05 13.84 11.91
N GLY B 243 -0.01 13.28 13.10
CA GLY B 243 -1.18 13.26 13.98
C GLY B 243 -1.32 11.95 14.73
N SER B 244 -2.54 11.64 15.16
CA SER B 244 -2.86 10.38 15.87
C SER B 244 -2.48 9.17 15.00
N GLY B 245 -1.85 8.15 15.61
CA GLY B 245 -1.52 6.85 15.00
C GLY B 245 -0.49 6.96 13.89
N ARG B 246 0.40 7.97 13.87
CA ARG B 246 1.31 8.20 12.71
C ARG B 246 2.78 8.00 13.14
N ALA B 247 3.55 7.33 12.29
CA ALA B 247 4.99 7.04 12.52
C ALA B 247 5.74 8.33 12.82
N CYS B 248 5.56 9.39 12.03
CA CYS B 248 6.30 10.67 12.22
C CYS B 248 6.08 11.14 13.65
N THR B 249 4.84 11.13 14.13
CA THR B 249 4.49 11.66 15.48
C THR B 249 5.14 10.75 16.53
N LYS B 250 5.00 9.43 16.39
CA LYS B 250 5.43 8.46 17.44
C LYS B 250 6.96 8.42 17.49
N LEU B 251 7.64 8.51 16.34
CA LEU B 251 9.13 8.45 16.28
C LEU B 251 9.73 9.67 16.99
N MET B 252 9.08 10.83 16.89
CA MET B 252 9.58 12.08 17.49
C MET B 252 9.13 12.19 18.96
N GLN B 253 8.42 11.19 19.49
CA GLN B 253 8.05 11.14 20.93
C GLN B 253 8.97 10.19 21.71
N ILE B 254 9.86 9.46 21.03
CA ILE B 254 10.77 8.47 21.66
C ILE B 254 11.84 9.22 22.47
N ALA B 255 12.51 10.20 21.85
CA ALA B 255 13.57 11.03 22.46
C ALA B 255 13.21 12.50 22.27
N PRO B 256 12.21 13.03 23.02
CA PRO B 256 11.71 14.39 22.79
C PRO B 256 12.82 15.41 22.55
N GLY B 257 12.74 16.14 21.43
CA GLY B 257 13.62 17.26 21.07
C GLY B 257 14.91 16.83 20.40
N ARG B 258 15.11 15.53 20.13
CA ARG B 258 16.43 14.98 19.69
C ARG B 258 16.38 14.35 18.28
N ILE B 259 15.20 13.95 17.81
CA ILE B 259 15.02 13.21 16.53
C ILE B 259 13.98 13.95 15.67
N PHE B 260 14.37 14.33 14.46
CA PHE B 260 13.51 14.90 13.40
C PHE B 260 13.25 13.80 12.36
N VAL B 261 11.99 13.56 11.98
CA VAL B 261 11.64 12.65 10.85
C VAL B 261 10.50 13.28 10.06
N LYS B 262 10.46 12.94 8.78
CA LYS B 262 9.37 13.35 7.87
C LYS B 262 9.22 12.30 6.79
N THR B 263 8.05 11.70 6.73
CA THR B 263 7.64 10.73 5.68
C THR B 263 7.44 11.48 4.35
N GLY B 264 7.59 10.79 3.24
CA GLY B 264 7.15 11.27 1.90
C GLY B 264 6.39 10.18 1.18
N ALA B 265 5.46 10.54 0.29
CA ALA B 265 4.70 9.55 -0.52
C ALA B 265 5.70 8.67 -1.28
N GLU B 266 5.33 7.44 -1.59
CA GLU B 266 6.16 6.51 -2.41
C GLU B 266 7.45 6.15 -1.62
N GLY B 267 7.34 5.98 -0.31
CA GLY B 267 8.39 5.30 0.50
C GLY B 267 9.65 6.13 0.68
N VAL B 268 9.50 7.44 0.88
CA VAL B 268 10.62 8.33 1.24
C VAL B 268 10.54 8.63 2.73
N PHE B 269 11.70 8.81 3.35
CA PHE B 269 11.87 9.39 4.70
C PHE B 269 13.11 10.26 4.68
N CYS B 270 12.96 11.45 5.23
CA CYS B 270 14.08 12.31 5.63
C CYS B 270 14.09 12.40 7.15
N ALA B 271 15.27 12.57 7.73
CA ALA B 271 15.44 12.68 9.19
C ALA B 271 16.74 13.41 9.50
N ALA B 272 16.85 13.87 10.74
CA ALA B 272 18.03 14.54 11.28
C ALA B 272 18.13 14.22 12.78
N ILE B 273 19.37 14.12 13.25
CA ILE B 273 19.76 14.04 14.68
C ILE B 273 20.69 15.22 14.92
N PRO B 274 20.14 16.41 15.23
CA PRO B 274 20.92 17.64 15.30
C PRO B 274 22.15 17.54 16.21
N GLU B 275 22.01 16.92 17.38
CA GLU B 275 23.12 16.78 18.36
C GLU B 275 24.26 15.92 17.76
N LYS B 276 23.98 15.11 16.72
CA LYS B 276 25.04 14.27 16.07
C LYS B 276 25.47 14.89 14.73
N GLY B 277 24.87 16.03 14.36
CA GLY B 277 25.05 16.72 13.07
C GLY B 277 24.75 15.83 11.88
N ILE B 278 23.80 14.90 11.95
CA ILE B 278 23.54 14.05 10.75
C ILE B 278 22.13 14.29 10.16
N GLY B 279 22.09 14.24 8.84
CA GLY B 279 20.89 14.19 7.98
C GLY B 279 20.79 12.81 7.36
N ILE B 280 19.56 12.33 7.20
CA ILE B 280 19.21 10.97 6.68
C ILE B 280 18.15 11.17 5.60
N SER B 281 18.32 10.50 4.47
CA SER B 281 17.25 10.34 3.45
C SER B 281 17.26 8.89 2.99
N LEU B 282 16.09 8.34 2.68
CA LEU B 282 16.02 6.95 2.18
C LEU B 282 14.82 6.82 1.26
N LYS B 283 14.81 5.73 0.49
CA LYS B 283 13.76 5.41 -0.50
C LYS B 283 13.62 3.89 -0.51
N SER B 284 12.40 3.43 -0.26
CA SER B 284 11.97 2.06 -0.65
C SER B 284 11.73 2.06 -2.17
N GLU B 285 12.42 1.22 -2.92
CA GLU B 285 12.42 1.26 -4.40
C GLU B 285 11.00 1.04 -4.95
N ASP B 286 10.18 0.25 -4.23
CA ASP B 286 8.79 -0.13 -4.65
C ASP B 286 7.79 0.95 -4.21
N GLY B 287 8.20 1.83 -3.28
CA GLY B 287 7.40 2.98 -2.83
C GLY B 287 6.51 2.68 -1.62
N ALA B 288 6.67 1.54 -0.96
CA ALA B 288 5.88 1.16 0.24
C ALA B 288 6.25 1.99 1.48
N THR B 289 5.26 2.69 2.04
CA THR B 289 5.35 3.40 3.35
C THR B 289 5.85 2.47 4.47
N ARG B 290 5.35 1.24 4.56
CA ARG B 290 5.72 0.33 5.67
C ARG B 290 7.24 0.03 5.63
N ALA B 291 7.84 -0.05 4.46
CA ALA B 291 9.27 -0.38 4.28
C ALA B 291 10.11 0.83 4.73
N ALA B 292 9.66 2.01 4.32
CA ALA B 292 10.33 3.30 4.63
C ALA B 292 10.30 3.53 6.15
N GLU B 293 9.18 3.22 6.81
CA GLU B 293 9.05 3.33 8.28
C GLU B 293 10.09 2.40 8.97
N ALA B 294 10.14 1.10 8.63
CA ALA B 294 11.12 0.16 9.21
C ALA B 294 12.53 0.70 8.98
N MET B 295 12.84 1.11 7.73
CA MET B 295 14.18 1.55 7.30
C MET B 295 14.61 2.76 8.13
N VAL B 296 13.73 3.76 8.31
CA VAL B 296 14.14 5.01 8.98
C VAL B 296 14.43 4.70 10.45
N ALA B 297 13.63 3.84 11.08
CA ALA B 297 13.82 3.46 12.50
C ALA B 297 15.13 2.71 12.65
N ALA B 298 15.42 1.75 11.76
CA ALA B 298 16.64 0.91 11.81
C ALA B 298 17.88 1.78 11.54
N THR B 299 17.72 2.83 10.72
CA THR B 299 18.84 3.72 10.33
C THR B 299 19.17 4.60 11.54
N LEU B 300 18.13 5.15 12.16
CA LEU B 300 18.25 5.97 13.40
C LEU B 300 18.92 5.13 14.50
N ALA B 301 18.50 3.87 14.63
CA ALA B 301 18.92 2.96 15.72
C ALA B 301 20.45 2.85 15.73
N ARG B 302 21.11 2.91 14.58
CA ARG B 302 22.60 2.79 14.45
C ARG B 302 23.32 3.83 15.29
N PHE B 303 22.68 4.97 15.54
CA PHE B 303 23.27 6.15 16.19
C PHE B 303 22.87 6.24 17.65
N PHE B 304 22.10 5.29 18.18
CA PHE B 304 21.64 5.32 19.60
C PHE B 304 21.86 3.97 20.27
N GLU B 305 22.88 3.24 19.81
CA GLU B 305 23.25 1.89 20.31
C GLU B 305 23.84 1.95 21.72
N THR B 306 24.21 3.13 22.22
CA THR B 306 24.70 3.29 23.61
C THR B 306 23.59 3.77 24.55
N GLU B 307 22.35 3.98 24.06
CA GLU B 307 21.16 4.32 24.91
C GLU B 307 20.10 3.22 24.79
N GLU B 308 20.12 2.24 25.71
CA GLU B 308 19.26 1.03 25.73
C GLU B 308 17.80 1.36 25.43
N THR B 309 17.23 2.33 26.13
CA THR B 309 15.78 2.65 26.10
C THR B 309 15.38 3.23 24.74
N VAL B 310 16.22 4.11 24.20
CA VAL B 310 15.96 4.78 22.89
C VAL B 310 16.15 3.73 21.79
N HIS B 311 17.17 2.90 21.87
CA HIS B 311 17.48 1.82 20.90
C HIS B 311 16.33 0.82 20.84
N ALA B 312 15.86 0.33 21.98
CA ALA B 312 14.73 -0.62 22.09
C ALA B 312 13.48 -0.01 21.44
N ALA B 313 13.18 1.26 21.75
CA ALA B 313 11.98 1.96 21.26
C ALA B 313 12.06 2.06 19.73
N LEU B 314 13.25 2.37 19.19
CA LEU B 314 13.47 2.50 17.74
C LEU B 314 13.38 1.12 17.09
N MET B 315 14.01 0.10 17.69
CA MET B 315 13.94 -1.29 17.16
C MET B 315 12.47 -1.78 17.13
N ALA B 316 11.58 -1.26 17.98
CA ALA B 316 10.15 -1.66 18.00
C ALA B 316 9.46 -1.19 16.70
N PHE B 317 10.04 -0.21 16.00
CA PHE B 317 9.56 0.25 14.65
C PHE B 317 10.33 -0.48 13.55
N ALA B 318 11.59 -0.83 13.79
CA ALA B 318 12.47 -1.51 12.81
C ALA B 318 11.98 -2.93 12.61
N ALA B 319 11.37 -3.51 13.65
CA ALA B 319 10.92 -4.93 13.69
C ALA B 319 9.64 -5.02 14.53
N MET B 320 8.51 -5.24 13.85
CA MET B 320 7.13 -5.07 14.34
C MET B 320 6.31 -6.32 14.09
N PRO B 321 5.55 -6.80 15.10
CA PRO B 321 4.50 -7.79 14.86
C PRO B 321 3.37 -7.23 13.99
N MET B 322 2.91 -8.05 13.06
CA MET B 322 1.66 -7.79 12.30
C MET B 322 0.58 -8.72 12.85
N ARG B 323 -0.62 -8.19 13.06
CA ARG B 323 -1.77 -8.96 13.60
C ARG B 323 -2.90 -8.95 12.56
N ASN B 324 -3.64 -10.05 12.46
CA ASN B 324 -4.82 -10.16 11.56
C ASN B 324 -6.04 -9.54 12.26
N TRP B 325 -7.22 -9.69 11.66
CA TRP B 325 -8.50 -9.06 12.11
C TRP B 325 -8.89 -9.52 13.51
N ASN B 326 -8.52 -10.74 13.92
CA ASN B 326 -8.77 -11.23 15.30
C ASN B 326 -7.64 -10.81 16.25
N GLY B 327 -6.65 -10.03 15.79
CA GLY B 327 -5.49 -9.61 16.60
C GLY B 327 -4.48 -10.73 16.86
N ILE B 328 -4.47 -11.81 16.06
CA ILE B 328 -3.44 -12.89 16.12
C ILE B 328 -2.18 -12.45 15.37
N HIS B 329 -1.03 -12.64 16.02
CA HIS B 329 0.33 -12.47 15.46
C HIS B 329 0.52 -13.44 14.29
N VAL B 330 0.68 -12.94 13.07
CA VAL B 330 0.79 -13.77 11.81
C VAL B 330 2.21 -13.69 11.24
N GLY B 331 2.97 -12.65 11.62
CA GLY B 331 4.29 -12.35 11.02
C GLY B 331 4.83 -11.01 11.49
N ASP B 332 5.97 -10.60 10.93
CA ASP B 332 6.73 -9.37 11.31
C ASP B 332 7.14 -8.62 10.04
N ILE B 333 7.18 -7.28 10.11
CA ILE B 333 7.92 -6.39 9.18
C ILE B 333 9.26 -6.16 9.88
N ARG B 334 10.38 -6.39 9.21
CA ARG B 334 11.68 -6.29 9.89
C ARG B 334 12.74 -5.80 8.89
N ALA B 335 13.40 -4.71 9.25
CA ALA B 335 14.64 -4.25 8.60
C ALA B 335 15.63 -5.41 8.67
N THR B 336 16.43 -5.59 7.61
CA THR B 336 17.37 -6.73 7.48
C THR B 336 18.64 -6.37 8.24
N SER B 337 19.60 -7.28 8.27
CA SER B 337 20.86 -7.13 9.05
C SER B 337 21.82 -6.16 8.35
N VAL B 338 21.51 -5.66 7.15
CA VAL B 338 22.35 -4.60 6.51
C VAL B 338 22.35 -3.33 7.38
N PHE B 339 21.37 -3.11 8.26
CA PHE B 339 21.31 -1.86 9.08
C PHE B 339 22.15 -2.02 10.36
N SER B 340 22.67 -3.22 10.65
CA SER B 340 23.56 -3.45 11.82
C SER B 340 24.94 -3.93 11.36
N ALA B 341 25.27 -3.80 10.07
CA ALA B 341 26.55 -4.26 9.46
C ALA B 341 27.50 -3.08 9.28
ZN ZN C . -9.27 -15.58 4.16
CL CL D . -0.36 12.15 -6.76
CL CL E . -8.46 -35.57 -8.24
ZN ZN F . 2.44 18.63 -0.98
C1 EDO G . 6.77 -15.54 13.26
O1 EDO G . 7.01 -14.84 12.03
C2 EDO G . 5.33 -15.53 13.70
O2 EDO G . 4.90 -16.66 14.42
#